data_4X4R
#
_entry.id   4X4R
#
_cell.length_a   111.100
_cell.length_b   217.368
_cell.length_c   58.562
_cell.angle_alpha   90.000
_cell.angle_beta   90.000
_cell.angle_gamma   90.000
#
_symmetry.space_group_name_H-M   'P 21 21 2'
#
loop_
_entity.id
_entity.type
_entity.pdbx_description
1 polymer 'CCA-adding enzyme'
2 polymer 'G70A tRNA minihelix ending in CCACC'
3 polymer "RNA (5'-D(*CP*G)-3')"
4 non-polymer 'DIPHOSPHOMETHYLPHOSPHONIC ACID ADENOSYL ESTER'
5 non-polymer 'MAGNESIUM ION'
6 non-polymer '2-(N-MORPHOLINO)-ETHANESULFONIC ACID'
7 non-polymer GLYCEROL
8 non-polymer 'D(-)-TARTARIC ACID'
9 non-polymer DI(HYDROXYETHYL)ETHER
#
loop_
_entity_poly.entity_id
_entity_poly.type
_entity_poly.pdbx_seq_one_letter_code
_entity_poly.pdbx_strand_id
1 'polypeptide(L)'
;MKVEEILEKALELVIPDEEEVRKGREAEEELRRRLDELGVEYVFVGSYARNTWLKGSLEIDVFLLFPEEFSKEELRERGL
EIGKAVLDSYEIRYAEHPYVHGVVKGVEVDVVPCYKLKEPKNIKSAVDRTPFHHKWLEGRIKGKENEVRLLKGFLKANGI
YGAEYKVRGFSGYLCELLIVFYGSFLETVKNARRWTRRTVIDVAKGEVRKGEEFFVVDPVDEKRNVAANLSLDNLARFVH
LCREFMEAPSLGFFKPKHPLEIEPERLRKIVEERGTAVFAVKFRKPDIVDDNLYPQLERASRKIFEFLERENFMPLRSAF
KASEEFCYLLFECQIKEISRVFRRMGPQFEDERNVKKFLSRNRAFRPFIENGRWWAFEMRKFTTPEEGVRSYASTHWHTL
GKNVGESIREYFEIISGEKLFKEPVTAELCEMMGVKDSNSSSVDKLAAALEHHHHHH
;
A,C
2 'polyribonucleotide' GGCCGCGGCAGGUUCGAGUCCUGCCGCGAUCGCCACC B,D
3 'polyribonucleotide' CG H
#
# COMPACT_ATOMS: atom_id res chain seq x y z
N MET A 1 -38.70 13.09 -29.53
CA MET A 1 -37.75 12.67 -28.47
C MET A 1 -38.39 12.72 -27.09
N LYS A 2 -39.69 12.42 -27.03
CA LYS A 2 -40.38 12.21 -25.77
C LYS A 2 -40.27 10.73 -25.38
N VAL A 3 -40.40 10.43 -24.09
CA VAL A 3 -40.22 9.07 -23.59
C VAL A 3 -40.99 8.02 -24.38
N GLU A 4 -42.16 8.38 -24.90
CA GLU A 4 -42.99 7.43 -25.62
C GLU A 4 -42.68 7.43 -27.12
N GLU A 5 -42.25 8.57 -27.65
CA GLU A 5 -41.93 8.67 -29.07
C GLU A 5 -40.70 7.82 -29.38
N ILE A 6 -39.83 7.65 -28.38
CA ILE A 6 -38.58 6.94 -28.56
C ILE A 6 -38.80 5.43 -28.48
N LEU A 7 -39.69 5.02 -27.57
CA LEU A 7 -40.04 3.62 -27.45
C LEU A 7 -40.78 3.14 -28.70
N GLU A 8 -41.36 4.08 -29.44
CA GLU A 8 -42.00 3.75 -30.71
C GLU A 8 -40.94 3.43 -31.76
N LYS A 9 -39.98 4.33 -31.90
CA LYS A 9 -38.93 4.18 -32.90
C LYS A 9 -38.06 2.97 -32.59
N ALA A 10 -38.00 2.60 -31.31
CA ALA A 10 -37.18 1.50 -30.86
C ALA A 10 -37.84 0.15 -31.11
N LEU A 11 -39.17 0.15 -31.23
CA LEU A 11 -39.89 -1.08 -31.52
C LEU A 11 -39.58 -1.56 -32.93
N GLU A 12 -39.16 -0.63 -33.77
CA GLU A 12 -38.82 -0.93 -35.15
C GLU A 12 -37.52 -1.71 -35.27
N LEU A 13 -36.79 -1.79 -34.15
CA LEU A 13 -35.49 -2.43 -34.14
C LEU A 13 -35.56 -3.80 -33.47
N VAL A 14 -36.47 -3.93 -32.51
CA VAL A 14 -36.56 -5.15 -31.71
C VAL A 14 -37.65 -6.11 -32.18
N ILE A 15 -38.57 -5.65 -33.02
CA ILE A 15 -39.64 -6.50 -33.50
C ILE A 15 -39.28 -7.18 -34.82
N PRO A 16 -39.41 -8.52 -34.90
CA PRO A 16 -39.08 -9.21 -36.16
C PRO A 16 -40.01 -8.83 -37.30
N ASP A 17 -39.44 -8.54 -38.45
CA ASP A 17 -40.23 -8.26 -39.65
C ASP A 17 -41.02 -9.49 -40.06
N GLU A 18 -42.08 -9.29 -40.83
CA GLU A 18 -42.99 -10.38 -41.16
C GLU A 18 -42.35 -11.41 -42.08
N GLU A 19 -41.29 -11.01 -42.78
CA GLU A 19 -40.60 -11.92 -43.67
C GLU A 19 -39.82 -12.96 -42.87
N GLU A 20 -39.34 -12.56 -41.70
CA GLU A 20 -38.59 -13.46 -40.83
C GLU A 20 -39.53 -14.38 -40.05
N VAL A 21 -40.66 -13.85 -39.63
CA VAL A 21 -41.63 -14.62 -38.85
C VAL A 21 -42.14 -15.78 -39.69
N ARG A 22 -42.47 -15.49 -40.95
CA ARG A 22 -42.96 -16.49 -41.87
C ARG A 22 -41.94 -17.62 -42.01
N LYS A 23 -40.66 -17.24 -42.11
CA LYS A 23 -39.59 -18.22 -42.17
C LYS A 23 -39.56 -19.08 -40.91
N GLY A 24 -39.99 -18.49 -39.80
CA GLY A 24 -39.99 -19.18 -38.53
C GLY A 24 -41.12 -20.17 -38.45
N ARG A 25 -42.30 -19.75 -38.89
CA ARG A 25 -43.48 -20.60 -38.85
C ARG A 25 -43.35 -21.78 -39.81
N GLU A 26 -42.73 -21.54 -40.96
CA GLU A 26 -42.49 -22.58 -41.94
C GLU A 26 -41.53 -23.63 -41.41
N ALA A 27 -40.51 -23.18 -40.68
CA ALA A 27 -39.54 -24.09 -40.11
C ALA A 27 -40.16 -24.82 -38.93
N GLU A 28 -41.05 -24.13 -38.22
CA GLU A 28 -41.79 -24.74 -37.12
C GLU A 28 -42.73 -25.82 -37.64
N GLU A 29 -43.36 -25.56 -38.77
CA GLU A 29 -44.31 -26.50 -39.35
C GLU A 29 -43.60 -27.78 -39.76
N GLU A 30 -42.44 -27.64 -40.39
CA GLU A 30 -41.66 -28.80 -40.83
C GLU A 30 -41.06 -29.52 -39.63
N LEU A 31 -40.77 -28.77 -38.56
CA LEU A 31 -40.15 -29.36 -37.39
C LEU A 31 -41.18 -30.27 -36.70
N ARG A 32 -42.40 -29.78 -36.57
CA ARG A 32 -43.49 -30.60 -36.00
C ARG A 32 -43.79 -31.82 -36.87
N ARG A 33 -43.67 -31.64 -38.18
CA ARG A 33 -43.90 -32.72 -39.13
C ARG A 33 -42.96 -33.91 -38.89
N ARG A 34 -41.67 -33.61 -38.71
CA ARG A 34 -40.64 -34.65 -38.54
C ARG A 34 -40.70 -35.28 -37.16
N LEU A 35 -41.02 -34.47 -36.15
CA LEU A 35 -41.07 -34.95 -34.77
C LEU A 35 -42.24 -35.91 -34.58
N ASP A 36 -43.38 -35.59 -35.17
CA ASP A 36 -44.58 -36.43 -35.05
C ASP A 36 -44.37 -37.80 -35.69
N GLU A 37 -43.61 -37.82 -36.78
CA GLU A 37 -43.30 -39.07 -37.47
C GLU A 37 -42.49 -40.02 -36.58
N LEU A 38 -41.70 -39.46 -35.66
CA LEU A 38 -40.87 -40.25 -34.77
C LEU A 38 -41.58 -40.70 -33.50
N GLY A 39 -42.76 -40.16 -33.26
CA GLY A 39 -43.57 -40.55 -32.11
C GLY A 39 -42.84 -40.33 -30.80
N VAL A 40 -42.29 -39.13 -30.62
CA VAL A 40 -41.63 -38.75 -29.39
C VAL A 40 -42.40 -37.63 -28.74
N GLU A 41 -42.46 -37.65 -27.42
CA GLU A 41 -43.14 -36.60 -26.68
C GLU A 41 -42.27 -35.37 -26.59
N TYR A 42 -42.73 -34.27 -27.15
CA TYR A 42 -41.94 -33.04 -27.19
C TYR A 42 -42.78 -31.82 -26.84
N VAL A 43 -42.11 -30.68 -26.70
CA VAL A 43 -42.77 -29.42 -26.41
C VAL A 43 -41.93 -28.27 -26.95
N PHE A 44 -42.58 -27.25 -27.47
CA PHE A 44 -41.91 -26.04 -27.91
C PHE A 44 -41.83 -25.05 -26.76
N VAL A 45 -40.61 -24.60 -26.46
CA VAL A 45 -40.39 -23.63 -25.40
C VAL A 45 -39.54 -22.46 -25.90
N GLY A 46 -39.18 -21.57 -24.99
CA GLY A 46 -38.27 -20.48 -25.31
C GLY A 46 -38.96 -19.25 -25.84
N SER A 47 -38.17 -18.32 -26.37
CA SER A 47 -38.66 -17.04 -26.82
C SER A 47 -39.52 -17.17 -28.08
N TYR A 48 -39.43 -18.32 -28.74
CA TYR A 48 -40.19 -18.52 -29.96
C TYR A 48 -41.60 -19.03 -29.63
N ALA A 49 -41.70 -19.86 -28.60
CA ALA A 49 -42.97 -20.42 -28.20
C ALA A 49 -43.83 -19.39 -27.49
N ARG A 50 -43.25 -18.24 -27.17
CA ARG A 50 -43.95 -17.15 -26.49
C ARG A 50 -43.96 -15.88 -27.34
N ASN A 51 -43.36 -15.96 -28.53
CA ASN A 51 -43.28 -14.83 -29.43
C ASN A 51 -42.67 -13.61 -28.76
N THR A 52 -41.48 -13.80 -28.17
CA THR A 52 -40.75 -12.72 -27.52
C THR A 52 -39.29 -12.65 -27.99
N TRP A 53 -39.01 -13.24 -29.15
CA TRP A 53 -37.65 -13.27 -29.70
C TRP A 53 -37.35 -11.97 -30.44
N LEU A 54 -36.11 -11.52 -30.36
CA LEU A 54 -35.70 -10.26 -30.97
C LEU A 54 -35.53 -10.38 -32.48
N LYS A 55 -35.65 -9.26 -33.18
CA LYS A 55 -35.45 -9.23 -34.63
C LYS A 55 -34.03 -9.65 -34.96
N GLY A 56 -33.91 -10.57 -35.91
CA GLY A 56 -32.60 -11.04 -36.34
C GLY A 56 -32.04 -12.16 -35.49
N SER A 57 -32.65 -12.39 -34.34
CA SER A 57 -32.19 -13.43 -33.41
C SER A 57 -33.17 -14.60 -33.34
N LEU A 58 -33.56 -15.11 -34.49
CA LEU A 58 -34.54 -16.21 -34.55
C LEU A 58 -33.90 -17.55 -34.22
N GLU A 59 -34.38 -18.17 -33.15
CA GLU A 59 -33.96 -19.52 -32.80
C GLU A 59 -35.14 -20.28 -32.18
N ILE A 60 -35.36 -21.49 -32.68
CA ILE A 60 -36.40 -22.37 -32.18
C ILE A 60 -35.82 -23.37 -31.19
N ASP A 61 -36.47 -23.54 -30.04
CA ASP A 61 -36.04 -24.50 -29.03
C ASP A 61 -37.09 -25.60 -28.93
N VAL A 62 -36.63 -26.85 -28.96
CA VAL A 62 -37.50 -28.01 -28.89
C VAL A 62 -37.03 -28.97 -27.81
N PHE A 63 -37.86 -29.16 -26.78
CA PHE A 63 -37.53 -30.08 -25.72
C PHE A 63 -38.17 -31.43 -25.95
N LEU A 64 -37.38 -32.48 -25.75
CA LEU A 64 -37.87 -33.84 -25.80
C LEU A 64 -37.97 -34.35 -24.37
N LEU A 65 -39.15 -34.84 -23.98
CA LEU A 65 -39.37 -35.26 -22.62
C LEU A 65 -39.30 -36.78 -22.49
N PHE A 66 -38.28 -37.25 -21.77
CA PHE A 66 -38.06 -38.68 -21.57
C PHE A 66 -38.40 -39.08 -20.14
N PRO A 67 -38.63 -40.39 -19.91
CA PRO A 67 -38.95 -40.89 -18.56
C PRO A 67 -37.92 -40.50 -17.51
N GLU A 68 -38.35 -40.42 -16.25
CA GLU A 68 -37.45 -40.07 -15.15
C GLU A 68 -36.41 -41.16 -14.91
N GLU A 69 -36.81 -42.41 -15.14
CA GLU A 69 -35.98 -43.55 -14.79
C GLU A 69 -34.74 -43.66 -15.66
N PHE A 70 -34.73 -42.93 -16.78
CA PHE A 70 -33.62 -42.95 -17.71
C PHE A 70 -32.31 -42.49 -17.10
N SER A 71 -31.25 -43.25 -17.36
CA SER A 71 -29.90 -42.88 -16.94
C SER A 71 -29.52 -41.60 -17.66
N LYS A 72 -28.55 -40.88 -17.11
CA LYS A 72 -28.05 -39.68 -17.77
C LYS A 72 -27.41 -40.06 -19.10
N GLU A 73 -26.87 -41.28 -19.18
CA GLU A 73 -26.29 -41.76 -20.44
C GLU A 73 -27.41 -42.05 -21.42
N GLU A 74 -28.49 -42.64 -20.95
CA GLU A 74 -29.62 -42.98 -21.80
C GLU A 74 -30.31 -41.73 -22.33
N LEU A 75 -30.40 -40.70 -21.48
CA LEU A 75 -30.97 -39.40 -21.90
C LEU A 75 -30.15 -38.79 -23.04
N ARG A 76 -28.83 -38.89 -22.93
CA ARG A 76 -27.93 -38.36 -23.94
C ARG A 76 -28.05 -39.13 -25.25
N GLU A 77 -27.88 -40.45 -25.18
CA GLU A 77 -27.83 -41.28 -26.37
C GLU A 77 -29.12 -41.23 -27.16
N ARG A 78 -30.25 -41.04 -26.47
CA ARG A 78 -31.55 -40.99 -27.12
C ARG A 78 -31.85 -39.58 -27.62
N GLY A 79 -31.51 -38.59 -26.81
CA GLY A 79 -31.70 -37.20 -27.17
C GLY A 79 -31.00 -36.81 -28.46
N LEU A 80 -29.71 -37.14 -28.55
CA LEU A 80 -28.93 -36.86 -29.74
C LEU A 80 -29.45 -37.63 -30.94
N GLU A 81 -29.91 -38.86 -30.71
CA GLU A 81 -30.41 -39.70 -31.78
C GLU A 81 -31.62 -39.06 -32.45
N ILE A 82 -32.56 -38.56 -31.65
CA ILE A 82 -33.75 -37.89 -32.17
C ILE A 82 -33.34 -36.57 -32.84
N GLY A 83 -32.47 -35.83 -32.18
CA GLY A 83 -32.02 -34.53 -32.68
C GLY A 83 -31.46 -34.63 -34.08
N LYS A 84 -30.50 -35.52 -34.27
CA LYS A 84 -29.85 -35.69 -35.57
C LYS A 84 -30.86 -36.10 -36.65
N ALA A 85 -31.91 -36.82 -36.24
CA ALA A 85 -32.92 -37.32 -37.18
C ALA A 85 -33.84 -36.21 -37.69
N VAL A 86 -33.96 -35.13 -36.91
CA VAL A 86 -34.93 -34.09 -37.20
C VAL A 86 -34.30 -32.88 -37.90
N LEU A 87 -33.01 -32.65 -37.68
CA LEU A 87 -32.34 -31.47 -38.22
C LEU A 87 -31.69 -31.75 -39.56
N ASP A 88 -31.74 -30.76 -40.46
CA ASP A 88 -31.10 -30.87 -41.78
C ASP A 88 -29.60 -31.05 -41.62
N SER A 89 -28.97 -30.04 -41.02
CA SER A 89 -27.57 -30.10 -40.63
C SER A 89 -27.48 -29.86 -39.14
N TYR A 90 -26.67 -30.65 -38.45
CA TYR A 90 -26.54 -30.50 -37.00
C TYR A 90 -25.09 -30.30 -36.59
N GLU A 91 -24.91 -30.05 -35.30
CA GLU A 91 -23.62 -29.81 -34.69
C GLU A 91 -23.75 -30.08 -33.21
N ILE A 92 -22.83 -30.86 -32.66
CA ILE A 92 -22.89 -31.21 -31.25
C ILE A 92 -21.68 -30.66 -30.52
N ARG A 93 -21.90 -29.59 -29.78
CA ARG A 93 -20.87 -28.98 -28.95
C ARG A 93 -21.53 -28.36 -27.74
N TYR A 94 -21.35 -28.99 -26.59
CA TYR A 94 -21.97 -28.55 -25.34
C TYR A 94 -20.99 -28.73 -24.18
N ALA A 95 -21.30 -28.10 -23.05
CA ALA A 95 -20.37 -28.06 -21.93
C ALA A 95 -20.64 -29.17 -20.92
N GLU A 96 -21.91 -29.34 -20.56
CA GLU A 96 -22.31 -30.35 -19.59
C GLU A 96 -23.56 -31.08 -20.04
N HIS A 97 -24.67 -30.34 -20.15
CA HIS A 97 -25.94 -30.92 -20.56
C HIS A 97 -26.00 -31.10 -22.08
N PRO A 98 -26.19 -32.34 -22.55
CA PRO A 98 -26.13 -32.62 -23.99
C PRO A 98 -27.32 -32.07 -24.76
N TYR A 99 -27.08 -31.62 -25.99
CA TYR A 99 -28.17 -31.20 -26.87
C TYR A 99 -27.64 -31.10 -28.28
N VAL A 100 -28.54 -30.84 -29.23
CA VAL A 100 -28.17 -30.77 -30.63
C VAL A 100 -28.50 -29.41 -31.21
N HIS A 101 -27.46 -28.68 -31.60
CA HIS A 101 -27.61 -27.42 -32.31
C HIS A 101 -27.58 -27.69 -33.81
N GLY A 102 -28.56 -27.19 -34.53
CA GLY A 102 -28.60 -27.42 -35.97
C GLY A 102 -29.50 -26.46 -36.70
N VAL A 103 -29.91 -26.86 -37.90
CA VAL A 103 -30.69 -26.01 -38.78
C VAL A 103 -31.86 -26.80 -39.36
N VAL A 104 -32.98 -26.11 -39.57
CA VAL A 104 -34.13 -26.71 -40.25
C VAL A 104 -34.78 -25.68 -41.17
N LYS A 105 -34.65 -25.90 -42.48
CA LYS A 105 -35.16 -24.97 -43.48
C LYS A 105 -34.58 -23.58 -43.27
N GLY A 106 -33.37 -23.53 -42.72
CA GLY A 106 -32.61 -22.30 -42.63
C GLY A 106 -32.75 -21.54 -41.33
N VAL A 107 -33.45 -22.11 -40.35
CA VAL A 107 -33.60 -21.46 -39.05
C VAL A 107 -32.82 -22.21 -37.98
N GLU A 108 -32.36 -21.49 -36.96
CA GLU A 108 -31.64 -22.11 -35.87
C GLU A 108 -32.59 -22.92 -35.01
N VAL A 109 -32.22 -24.18 -34.77
CA VAL A 109 -33.02 -25.07 -33.94
C VAL A 109 -32.13 -25.76 -32.92
N ASP A 110 -32.60 -25.80 -31.67
CA ASP A 110 -31.91 -26.53 -30.60
C ASP A 110 -32.84 -27.62 -30.09
N VAL A 111 -32.37 -28.86 -30.20
CA VAL A 111 -33.15 -30.01 -29.73
C VAL A 111 -32.56 -30.51 -28.42
N VAL A 112 -33.22 -30.17 -27.33
CA VAL A 112 -32.70 -30.43 -25.99
C VAL A 112 -33.43 -31.60 -25.35
N PRO A 113 -32.68 -32.59 -24.85
CA PRO A 113 -33.31 -33.68 -24.07
C PRO A 113 -33.51 -33.26 -22.63
N CYS A 114 -34.57 -33.74 -22.00
CA CYS A 114 -34.80 -33.47 -20.59
C CYS A 114 -35.75 -34.49 -20.01
N TYR A 115 -35.94 -34.46 -18.70
CA TYR A 115 -36.80 -35.41 -18.01
C TYR A 115 -38.24 -34.89 -17.88
N LYS A 116 -39.20 -35.75 -18.20
CA LYS A 116 -40.60 -35.40 -18.01
C LYS A 116 -40.94 -35.49 -16.53
N LEU A 117 -40.76 -34.38 -15.83
CA LEU A 117 -41.04 -34.34 -14.41
C LEU A 117 -42.45 -33.87 -14.14
N LYS A 118 -42.98 -34.30 -12.99
CA LYS A 118 -44.16 -33.71 -12.41
C LYS A 118 -43.68 -32.96 -11.17
N GLU A 119 -43.94 -31.66 -11.12
CA GLU A 119 -43.35 -30.75 -10.12
C GLU A 119 -41.83 -30.71 -10.26
N PRO A 120 -41.27 -29.54 -10.59
CA PRO A 120 -39.82 -29.38 -10.75
C PRO A 120 -39.14 -28.89 -9.49
N LYS A 121 -39.21 -29.67 -8.41
CA LYS A 121 -38.58 -29.27 -7.17
C LYS A 121 -37.11 -29.69 -7.14
N ASN A 122 -36.86 -30.99 -7.15
CA ASN A 122 -35.50 -31.51 -7.20
C ASN A 122 -35.15 -32.04 -8.59
N ILE A 123 -35.01 -31.11 -9.53
CA ILE A 123 -34.67 -31.41 -10.92
C ILE A 123 -33.50 -32.39 -11.04
N LYS A 124 -33.52 -33.18 -12.11
CA LYS A 124 -32.53 -34.23 -12.35
C LYS A 124 -31.48 -33.78 -13.37
N SER A 125 -31.94 -33.06 -14.39
CA SER A 125 -31.06 -32.39 -15.35
C SER A 125 -31.07 -30.90 -15.06
N ALA A 126 -30.20 -30.16 -15.73
CA ALA A 126 -30.09 -28.72 -15.49
C ALA A 126 -31.23 -27.95 -16.16
N VAL A 127 -31.82 -28.54 -17.18
CA VAL A 127 -32.78 -27.84 -18.03
C VAL A 127 -34.22 -28.27 -17.78
N ASP A 128 -34.44 -29.03 -16.71
CA ASP A 128 -35.76 -29.56 -16.44
C ASP A 128 -36.76 -28.50 -16.00
N ARG A 129 -36.29 -27.29 -15.76
CA ARG A 129 -37.18 -26.20 -15.36
C ARG A 129 -37.80 -25.51 -16.57
N THR A 130 -37.23 -25.72 -17.75
CA THR A 130 -37.58 -24.92 -18.92
C THR A 130 -39.00 -25.15 -19.44
N PRO A 131 -39.48 -26.41 -19.40
CA PRO A 131 -40.88 -26.62 -19.76
C PRO A 131 -41.84 -25.98 -18.76
N PHE A 132 -41.51 -26.07 -17.48
CA PHE A 132 -42.33 -25.45 -16.45
C PHE A 132 -42.27 -23.92 -16.51
N HIS A 133 -41.15 -23.40 -17.02
CA HIS A 133 -41.03 -21.96 -17.25
C HIS A 133 -42.04 -21.51 -18.28
N HIS A 134 -42.17 -22.30 -19.34
CA HIS A 134 -43.07 -21.95 -20.43
C HIS A 134 -44.52 -22.10 -20.03
N LYS A 135 -44.80 -23.08 -19.18
CA LYS A 135 -46.17 -23.35 -18.75
C LYS A 135 -46.66 -22.21 -17.85
N TRP A 136 -45.73 -21.63 -17.09
CA TRP A 136 -46.04 -20.57 -16.15
C TRP A 136 -46.16 -19.22 -16.83
N LEU A 137 -45.47 -19.07 -17.95
CA LEU A 137 -45.30 -17.76 -18.57
C LEU A 137 -46.26 -17.50 -19.74
N GLU A 138 -46.70 -18.56 -20.41
CA GLU A 138 -47.52 -18.42 -21.62
C GLU A 138 -48.81 -17.65 -21.37
N GLY A 139 -49.41 -17.84 -20.19
CA GLY A 139 -50.69 -17.22 -19.89
C GLY A 139 -50.58 -15.81 -19.35
N ARG A 140 -49.43 -15.50 -18.76
CA ARG A 140 -49.23 -14.21 -18.10
C ARG A 140 -48.52 -13.20 -18.98
N ILE A 141 -47.75 -13.70 -19.94
CA ILE A 141 -46.95 -12.82 -20.79
C ILE A 141 -47.76 -12.32 -21.98
N LYS A 142 -48.95 -12.87 -22.18
CA LYS A 142 -49.73 -12.57 -23.37
C LYS A 142 -50.08 -11.09 -23.43
N GLY A 143 -49.77 -10.46 -24.57
CA GLY A 143 -50.03 -9.06 -24.77
C GLY A 143 -48.81 -8.21 -24.51
N LYS A 144 -47.91 -8.73 -23.67
CA LYS A 144 -46.71 -7.99 -23.28
C LYS A 144 -45.46 -8.43 -24.05
N GLU A 145 -45.66 -9.03 -25.22
CA GLU A 145 -44.53 -9.59 -25.97
C GLU A 145 -43.52 -8.53 -26.39
N ASN A 146 -43.99 -7.36 -26.80
CA ASN A 146 -43.09 -6.33 -27.27
C ASN A 146 -42.41 -5.59 -26.12
N GLU A 147 -42.99 -5.64 -24.93
CA GLU A 147 -42.38 -5.03 -23.76
C GLU A 147 -41.14 -5.81 -23.38
N VAL A 148 -41.15 -7.11 -23.66
CA VAL A 148 -39.99 -7.96 -23.44
C VAL A 148 -38.92 -7.64 -24.47
N ARG A 149 -39.35 -7.47 -25.72
CA ARG A 149 -38.44 -7.20 -26.82
C ARG A 149 -37.73 -5.87 -26.65
N LEU A 150 -38.37 -4.92 -26.00
CA LEU A 150 -37.75 -3.62 -25.75
C LEU A 150 -36.67 -3.77 -24.71
N LEU A 151 -36.95 -4.58 -23.69
CA LEU A 151 -36.00 -4.83 -22.60
C LEU A 151 -34.84 -5.68 -23.08
N LYS A 152 -35.13 -6.73 -23.86
CA LYS A 152 -34.08 -7.58 -24.41
C LYS A 152 -33.20 -6.78 -25.35
N GLY A 153 -33.81 -5.88 -26.11
CA GLY A 153 -33.08 -5.04 -27.04
C GLY A 153 -32.27 -3.98 -26.33
N PHE A 154 -32.82 -3.47 -25.24
CA PHE A 154 -32.17 -2.44 -24.44
C PHE A 154 -30.88 -2.98 -23.85
N LEU A 155 -30.95 -4.24 -23.41
CA LEU A 155 -29.80 -4.88 -22.79
C LEU A 155 -28.78 -5.34 -23.81
N LYS A 156 -29.26 -5.97 -24.87
CA LYS A 156 -28.39 -6.49 -25.92
C LYS A 156 -27.57 -5.38 -26.55
N ALA A 157 -28.14 -4.18 -26.60
CA ALA A 157 -27.49 -3.04 -27.22
C ALA A 157 -26.34 -2.53 -26.35
N ASN A 158 -26.40 -2.84 -25.06
CA ASN A 158 -25.38 -2.42 -24.12
C ASN A 158 -24.57 -3.60 -23.61
N GLY A 159 -24.60 -4.69 -24.39
CA GLY A 159 -23.75 -5.83 -24.14
C GLY A 159 -23.85 -6.49 -22.78
N ILE A 160 -25.07 -6.54 -22.24
CA ILE A 160 -25.30 -7.24 -20.98
C ILE A 160 -26.55 -8.12 -21.08
N TYR A 161 -26.84 -8.59 -22.29
CA TYR A 161 -27.90 -9.55 -22.50
C TYR A 161 -27.28 -10.94 -22.63
N GLY A 162 -27.72 -11.88 -21.78
CA GLY A 162 -27.21 -13.24 -21.78
C GLY A 162 -26.65 -13.59 -20.42
N ALA A 163 -27.01 -14.77 -19.92
CA ALA A 163 -26.50 -15.26 -18.64
C ALA A 163 -25.22 -16.08 -18.79
N GLU A 164 -24.80 -16.29 -20.04
CA GLU A 164 -23.58 -17.03 -20.32
C GLU A 164 -22.36 -16.39 -19.67
N TYR A 165 -21.35 -17.20 -19.36
CA TYR A 165 -20.14 -16.72 -18.69
C TYR A 165 -19.37 -15.72 -19.53
N LYS A 166 -19.67 -15.66 -20.83
CA LYS A 166 -19.05 -14.67 -21.70
C LYS A 166 -19.63 -13.29 -21.42
N VAL A 167 -20.78 -13.25 -20.77
CA VAL A 167 -21.53 -12.01 -20.58
C VAL A 167 -21.81 -11.72 -19.11
N ARG A 168 -22.25 -12.74 -18.38
CA ARG A 168 -22.71 -12.58 -17.00
C ARG A 168 -23.78 -11.49 -16.90
N GLY A 169 -24.78 -11.59 -17.77
CA GLY A 169 -25.86 -10.62 -17.84
C GLY A 169 -27.24 -11.19 -17.53
N PHE A 170 -28.25 -10.63 -18.18
CA PHE A 170 -29.64 -11.01 -17.94
C PHE A 170 -30.11 -12.07 -18.93
N SER A 171 -30.49 -13.23 -18.41
CA SER A 171 -31.03 -14.30 -19.25
C SER A 171 -32.35 -13.84 -19.89
N GLY A 172 -32.66 -14.40 -21.04
CA GLY A 172 -33.89 -14.05 -21.74
C GLY A 172 -35.14 -14.35 -20.92
N TYR A 173 -35.04 -15.31 -20.01
CA TYR A 173 -36.15 -15.68 -19.15
C TYR A 173 -36.29 -14.68 -18.01
N LEU A 174 -35.16 -14.18 -17.53
CA LEU A 174 -35.16 -13.16 -16.49
C LEU A 174 -35.85 -11.89 -16.97
N CYS A 175 -35.69 -11.59 -18.25
CA CYS A 175 -36.31 -10.42 -18.82
C CYS A 175 -37.83 -10.53 -18.82
N GLU A 176 -38.31 -11.70 -19.19
CA GLU A 176 -39.75 -11.93 -19.26
C GLU A 176 -40.37 -11.83 -17.87
N LEU A 177 -39.69 -12.39 -16.87
CA LEU A 177 -40.17 -12.32 -15.48
C LEU A 177 -40.25 -10.88 -14.99
N LEU A 178 -39.31 -10.04 -15.44
CA LEU A 178 -39.29 -8.65 -15.01
C LEU A 178 -40.45 -7.87 -15.62
N ILE A 179 -40.87 -8.25 -16.82
CA ILE A 179 -42.01 -7.62 -17.46
C ILE A 179 -43.33 -8.04 -16.79
N VAL A 180 -43.41 -9.31 -16.39
CA VAL A 180 -44.59 -9.79 -15.69
C VAL A 180 -44.72 -9.11 -14.33
N PHE A 181 -43.59 -8.77 -13.72
CA PHE A 181 -43.58 -8.19 -12.38
C PHE A 181 -43.84 -6.69 -12.36
N TYR A 182 -43.50 -6.00 -13.45
CA TYR A 182 -43.63 -4.55 -13.52
C TYR A 182 -44.65 -4.10 -14.56
N GLY A 183 -44.91 -4.96 -15.53
CA GLY A 183 -45.98 -4.72 -16.49
C GLY A 183 -45.51 -4.19 -17.82
N SER A 184 -44.50 -3.32 -17.80
CA SER A 184 -43.99 -2.72 -19.03
C SER A 184 -42.49 -2.50 -18.97
N PHE A 185 -41.88 -2.27 -20.12
CA PHE A 185 -40.47 -1.94 -20.19
C PHE A 185 -40.19 -0.69 -19.37
N LEU A 186 -41.04 0.32 -19.54
CA LEU A 186 -40.87 1.60 -18.87
C LEU A 186 -40.92 1.45 -17.35
N GLU A 187 -41.78 0.57 -16.86
CA GLU A 187 -41.92 0.37 -15.42
C GLU A 187 -40.75 -0.40 -14.82
N THR A 188 -40.05 -1.18 -15.66
CA THR A 188 -38.87 -1.87 -15.19
C THR A 188 -37.73 -0.87 -15.04
N VAL A 189 -37.58 0.00 -16.03
CA VAL A 189 -36.54 1.03 -16.01
C VAL A 189 -36.73 1.97 -14.82
N LYS A 190 -37.96 2.45 -14.61
CA LYS A 190 -38.25 3.37 -13.52
C LYS A 190 -37.87 2.78 -12.17
N ASN A 191 -38.23 1.52 -11.94
CA ASN A 191 -38.00 0.89 -10.66
C ASN A 191 -36.57 0.38 -10.48
N ALA A 192 -35.97 -0.07 -11.58
CA ALA A 192 -34.61 -0.62 -11.53
C ALA A 192 -33.62 0.40 -11.00
N ARG A 193 -33.92 1.68 -11.18
CA ARG A 193 -33.04 2.75 -10.74
C ARG A 193 -32.72 2.66 -9.25
N ARG A 194 -33.66 2.10 -8.47
CA ARG A 194 -33.51 2.02 -7.03
C ARG A 194 -33.34 0.57 -6.55
N TRP A 195 -32.84 -0.28 -7.45
CA TRP A 195 -32.39 -1.60 -7.05
C TRP A 195 -31.11 -1.43 -6.25
N THR A 196 -30.79 -2.41 -5.43
CA THR A 196 -29.51 -2.45 -4.73
C THR A 196 -28.95 -3.84 -4.87
N ARG A 197 -27.75 -4.07 -4.35
CA ARG A 197 -27.15 -5.39 -4.43
C ARG A 197 -27.82 -6.34 -3.44
N ARG A 198 -28.81 -5.84 -2.71
CA ARG A 198 -29.56 -6.62 -1.74
C ARG A 198 -30.98 -6.90 -2.23
N THR A 199 -31.33 -6.34 -3.37
CA THR A 199 -32.69 -6.45 -3.90
C THR A 199 -33.10 -7.90 -4.16
N VAL A 200 -34.24 -8.28 -3.60
CA VAL A 200 -34.86 -9.57 -3.90
C VAL A 200 -36.21 -9.34 -4.57
N ILE A 201 -36.44 -10.01 -5.69
CA ILE A 201 -37.68 -9.87 -6.44
C ILE A 201 -38.34 -11.23 -6.56
N ASP A 202 -39.28 -11.51 -5.66
CA ASP A 202 -40.03 -12.76 -5.70
C ASP A 202 -41.27 -12.54 -6.56
N VAL A 203 -41.21 -13.00 -7.80
CA VAL A 203 -42.30 -12.77 -8.74
C VAL A 203 -43.53 -13.55 -8.32
N ALA A 204 -43.32 -14.75 -7.81
CA ALA A 204 -44.41 -15.64 -7.43
C ALA A 204 -45.29 -15.05 -6.33
N LYS A 205 -44.72 -14.16 -5.53
CA LYS A 205 -45.43 -13.56 -4.40
C LYS A 205 -45.76 -12.08 -4.65
N GLY A 206 -45.37 -11.56 -5.80
CA GLY A 206 -45.60 -10.16 -6.12
C GLY A 206 -44.98 -9.23 -5.09
N GLU A 207 -43.84 -9.65 -4.55
CA GLU A 207 -43.19 -8.97 -3.44
C GLU A 207 -41.75 -8.57 -3.77
N VAL A 208 -41.34 -7.42 -3.27
CA VAL A 208 -39.93 -7.01 -3.32
C VAL A 208 -39.40 -6.92 -1.89
N ARG A 209 -38.37 -7.72 -1.58
CA ARG A 209 -37.82 -7.70 -0.24
C ARG A 209 -36.30 -7.56 -0.25
N LYS A 210 -35.73 -7.48 0.94
CA LYS A 210 -34.29 -7.27 1.11
C LYS A 210 -33.63 -8.61 1.43
N GLY A 211 -32.40 -8.80 0.99
CA GLY A 211 -31.75 -10.08 1.18
C GLY A 211 -30.23 -10.02 1.27
N GLU A 212 -29.61 -11.19 1.11
CA GLU A 212 -28.18 -11.33 1.23
C GLU A 212 -27.47 -10.86 -0.03
N GLU A 213 -28.11 -11.12 -1.16
CA GLU A 213 -27.57 -10.75 -2.47
C GLU A 213 -28.70 -10.39 -3.42
N PHE A 214 -28.37 -9.97 -4.63
CA PHE A 214 -29.38 -9.74 -5.65
C PHE A 214 -29.96 -11.10 -6.03
N PHE A 215 -31.28 -11.20 -5.98
CA PHE A 215 -31.94 -12.49 -6.04
C PHE A 215 -33.34 -12.37 -6.64
N VAL A 216 -33.50 -12.80 -7.88
CA VAL A 216 -34.82 -12.90 -8.51
C VAL A 216 -35.35 -14.33 -8.35
N VAL A 217 -36.32 -14.51 -7.47
CA VAL A 217 -36.81 -15.84 -7.13
C VAL A 217 -37.60 -16.42 -8.30
N ASP A 218 -37.27 -17.66 -8.66
CA ASP A 218 -37.93 -18.33 -9.77
C ASP A 218 -39.32 -18.81 -9.36
N PRO A 219 -40.36 -18.40 -10.10
CA PRO A 219 -41.70 -18.87 -9.79
C PRO A 219 -41.79 -20.39 -9.72
N VAL A 220 -41.00 -21.07 -10.53
CA VAL A 220 -41.04 -22.51 -10.64
C VAL A 220 -40.27 -23.21 -9.52
N ASP A 221 -39.27 -22.53 -8.97
CA ASP A 221 -38.47 -23.08 -7.87
C ASP A 221 -37.99 -21.95 -6.97
N GLU A 222 -38.55 -21.88 -5.77
CA GLU A 222 -38.27 -20.78 -4.85
C GLU A 222 -36.83 -20.79 -4.32
N LYS A 223 -36.09 -21.86 -4.61
CA LYS A 223 -34.70 -21.96 -4.21
C LYS A 223 -33.78 -21.44 -5.31
N ARG A 224 -34.27 -21.45 -6.54
CA ARG A 224 -33.49 -21.05 -7.70
C ARG A 224 -33.42 -19.54 -7.87
N ASN A 225 -32.21 -19.02 -8.06
CA ASN A 225 -32.00 -17.62 -8.37
C ASN A 225 -31.85 -17.43 -9.88
N VAL A 226 -32.85 -16.82 -10.51
CA VAL A 226 -32.83 -16.67 -11.96
C VAL A 226 -31.67 -15.76 -12.38
N ALA A 227 -31.31 -14.84 -11.49
CA ALA A 227 -30.24 -13.88 -11.75
C ALA A 227 -28.96 -14.28 -11.05
N ALA A 228 -28.71 -15.57 -10.98
CA ALA A 228 -27.58 -16.11 -10.24
C ALA A 228 -26.25 -15.67 -10.82
N ASN A 229 -26.16 -15.64 -12.14
CA ASN A 229 -24.89 -15.39 -12.81
C ASN A 229 -24.74 -13.94 -13.29
N LEU A 230 -25.70 -13.09 -12.94
CA LEU A 230 -25.58 -11.66 -13.21
C LEU A 230 -24.55 -11.05 -12.27
N SER A 231 -23.40 -10.66 -12.81
CA SER A 231 -22.33 -10.09 -12.01
C SER A 231 -22.79 -8.80 -11.34
N LEU A 232 -22.17 -8.45 -10.22
CA LEU A 232 -22.51 -7.23 -9.51
C LEU A 232 -22.26 -6.02 -10.38
N ASP A 233 -21.20 -6.09 -11.17
CA ASP A 233 -20.82 -4.98 -12.03
C ASP A 233 -21.83 -4.77 -13.15
N ASN A 234 -22.31 -5.87 -13.74
CA ASN A 234 -23.30 -5.76 -14.81
C ASN A 234 -24.66 -5.34 -14.26
N LEU A 235 -24.96 -5.75 -13.02
CA LEU A 235 -26.14 -5.27 -12.34
C LEU A 235 -26.05 -3.75 -12.22
N ALA A 236 -24.89 -3.26 -11.80
CA ALA A 236 -24.64 -1.84 -11.66
C ALA A 236 -24.73 -1.13 -13.01
N ARG A 237 -24.10 -1.71 -14.03
CA ARG A 237 -24.09 -1.12 -15.36
C ARG A 237 -25.51 -0.93 -15.89
N PHE A 238 -26.41 -1.83 -15.49
CA PHE A 238 -27.82 -1.75 -15.91
C PHE A 238 -28.55 -0.63 -15.18
N VAL A 239 -28.42 -0.60 -13.86
CA VAL A 239 -29.04 0.44 -13.03
C VAL A 239 -28.61 1.82 -13.49
N HIS A 240 -27.33 1.97 -13.82
CA HIS A 240 -26.79 3.25 -14.27
C HIS A 240 -27.44 3.68 -15.59
N LEU A 241 -27.67 2.72 -16.48
CA LEU A 241 -28.28 3.02 -17.77
C LEU A 241 -29.71 3.52 -17.60
N CYS A 242 -30.43 2.93 -16.65
CA CYS A 242 -31.82 3.29 -16.41
C CYS A 242 -31.97 4.71 -15.86
N ARG A 243 -31.06 5.09 -14.97
CA ARG A 243 -31.05 6.44 -14.43
C ARG A 243 -30.71 7.46 -15.52
N GLU A 244 -29.76 7.10 -16.37
CA GLU A 244 -29.39 7.95 -17.50
C GLU A 244 -30.53 8.08 -18.49
N PHE A 245 -31.23 6.98 -18.71
CA PHE A 245 -32.27 6.94 -19.74
C PHE A 245 -33.46 7.79 -19.36
N MET A 246 -33.91 7.65 -18.12
CA MET A 246 -35.05 8.42 -17.65
C MET A 246 -34.70 9.90 -17.55
N GLU A 247 -33.44 10.17 -17.20
CA GLU A 247 -32.95 11.53 -17.08
C GLU A 247 -32.85 12.20 -18.45
N ALA A 248 -32.64 11.40 -19.48
CA ALA A 248 -32.46 11.92 -20.83
C ALA A 248 -32.65 10.80 -21.86
N PRO A 249 -33.91 10.47 -22.17
CA PRO A 249 -34.23 9.39 -23.11
C PRO A 249 -33.62 9.61 -24.49
N SER A 250 -33.31 8.52 -25.18
CA SER A 250 -32.77 8.60 -26.52
C SER A 250 -32.91 7.25 -27.22
N LEU A 251 -32.78 7.26 -28.54
CA LEU A 251 -32.85 6.03 -29.32
C LEU A 251 -31.50 5.31 -29.31
N GLY A 252 -30.45 6.03 -28.90
CA GLY A 252 -29.11 5.48 -28.91
C GLY A 252 -28.92 4.36 -27.91
N PHE A 253 -29.81 4.29 -26.93
CA PHE A 253 -29.76 3.24 -25.91
C PHE A 253 -30.12 1.88 -26.49
N PHE A 254 -30.65 1.88 -27.72
CA PHE A 254 -31.06 0.65 -28.39
C PHE A 254 -30.19 0.36 -29.63
N LYS A 255 -29.33 1.31 -29.99
CA LYS A 255 -28.44 1.12 -31.12
C LYS A 255 -27.19 0.38 -30.64
N PRO A 256 -26.88 -0.78 -31.26
CA PRO A 256 -25.66 -1.50 -30.88
C PRO A 256 -24.38 -0.75 -31.21
N LYS A 257 -23.57 -0.49 -30.20
CA LYS A 257 -22.30 0.22 -30.40
C LYS A 257 -21.24 -0.79 -30.83
N HIS A 258 -20.34 -0.36 -31.70
CA HIS A 258 -19.27 -1.22 -32.19
C HIS A 258 -17.92 -0.50 -32.10
N PRO A 259 -16.81 -1.25 -31.90
CA PRO A 259 -15.50 -0.61 -31.77
C PRO A 259 -15.03 0.10 -33.04
N LEU A 260 -14.12 1.05 -32.88
CA LEU A 260 -13.52 1.77 -34.01
C LEU A 260 -12.05 1.40 -34.13
N GLU A 261 -11.55 1.34 -35.37
CA GLU A 261 -10.14 1.07 -35.60
C GLU A 261 -9.31 2.24 -35.10
N ILE A 262 -8.54 1.98 -34.06
CA ILE A 262 -7.68 3.01 -33.48
C ILE A 262 -6.29 2.87 -34.09
N GLU A 263 -5.67 3.99 -34.45
CA GLU A 263 -4.34 3.94 -35.02
C GLU A 263 -3.36 3.40 -33.99
N PRO A 264 -2.39 2.58 -34.42
CA PRO A 264 -1.37 2.11 -33.48
C PRO A 264 -0.54 3.27 -32.95
N GLU A 265 -0.59 4.38 -33.67
CA GLU A 265 0.13 5.58 -33.26
C GLU A 265 -0.64 6.32 -32.18
N ARG A 266 -1.93 6.53 -32.38
CA ARG A 266 -2.75 7.22 -31.37
C ARG A 266 -2.69 6.44 -30.08
N LEU A 267 -2.71 5.12 -30.19
CA LEU A 267 -2.69 4.26 -29.02
C LEU A 267 -1.34 4.37 -28.30
N ARG A 268 -0.27 4.49 -29.08
CA ARG A 268 1.08 4.61 -28.52
C ARG A 268 1.22 5.93 -27.74
N LYS A 269 0.58 6.99 -28.23
CA LYS A 269 0.59 8.28 -27.55
C LYS A 269 -0.19 8.23 -26.25
N ILE A 270 -1.33 7.53 -26.25
CA ILE A 270 -2.16 7.44 -25.06
C ILE A 270 -1.42 6.71 -23.94
N VAL A 271 -0.72 5.64 -24.26
CA VAL A 271 -0.04 4.86 -23.23
C VAL A 271 1.17 5.65 -22.71
N GLU A 272 1.83 6.37 -23.60
CA GLU A 272 2.96 7.21 -23.24
C GLU A 272 2.49 8.35 -22.35
N GLU A 273 1.34 8.91 -22.70
CA GLU A 273 0.72 9.99 -21.94
C GLU A 273 0.40 9.55 -20.51
N ARG A 274 0.16 8.24 -20.36
CA ARG A 274 -0.18 7.67 -19.06
C ARG A 274 1.07 7.23 -18.31
N GLY A 275 2.09 6.83 -19.05
CA GLY A 275 3.34 6.40 -18.44
C GLY A 275 3.18 5.09 -17.69
N THR A 276 2.26 4.26 -18.14
CA THR A 276 1.99 2.99 -17.50
C THR A 276 2.65 1.86 -18.28
N ALA A 277 2.85 0.73 -17.61
CA ALA A 277 3.35 -0.48 -18.25
C ALA A 277 2.20 -1.28 -18.80
N VAL A 278 2.06 -1.30 -20.11
CA VAL A 278 0.99 -2.04 -20.77
C VAL A 278 1.59 -3.24 -21.50
N PHE A 279 1.21 -4.44 -21.08
CA PHE A 279 1.73 -5.67 -21.68
C PHE A 279 0.67 -6.76 -21.67
N ALA A 280 0.88 -7.81 -22.47
CA ALA A 280 -0.09 -8.87 -22.61
C ALA A 280 0.57 -10.24 -22.55
N VAL A 281 -0.20 -11.24 -22.12
CA VAL A 281 0.24 -12.62 -22.14
C VAL A 281 -0.48 -13.34 -23.27
N LYS A 282 0.28 -13.83 -24.24
CA LYS A 282 -0.26 -14.46 -25.44
C LYS A 282 0.00 -15.97 -25.44
N PHE A 283 -1.03 -16.77 -25.71
CA PHE A 283 -0.87 -18.22 -25.79
C PHE A 283 -1.92 -18.83 -26.72
N ARG A 284 -1.71 -20.10 -27.09
CA ARG A 284 -2.64 -20.79 -27.98
C ARG A 284 -3.98 -20.96 -27.27
N LYS A 285 -5.07 -20.60 -27.95
CA LYS A 285 -6.41 -20.84 -27.40
C LYS A 285 -6.63 -22.33 -27.23
N PRO A 286 -6.98 -22.77 -26.02
CA PRO A 286 -7.35 -24.18 -25.88
C PRO A 286 -8.63 -24.47 -26.65
N ASP A 287 -8.73 -25.63 -27.28
CA ASP A 287 -9.91 -25.97 -28.07
C ASP A 287 -11.06 -26.44 -27.17
N ILE A 288 -11.73 -25.49 -26.52
CA ILE A 288 -12.82 -25.80 -25.62
C ILE A 288 -14.00 -24.82 -25.79
N VAL A 289 -15.16 -25.22 -25.27
CA VAL A 289 -16.37 -24.41 -25.39
C VAL A 289 -16.22 -23.13 -24.59
N ASP A 290 -16.81 -22.05 -25.10
CA ASP A 290 -16.65 -20.73 -24.50
C ASP A 290 -16.95 -20.72 -23.01
N ASP A 291 -17.88 -21.56 -22.57
CA ASP A 291 -18.35 -21.52 -21.19
C ASP A 291 -17.36 -22.16 -20.21
N ASN A 292 -16.33 -22.81 -20.74
CA ASN A 292 -15.24 -23.33 -19.92
C ASN A 292 -14.04 -22.39 -20.01
N LEU A 293 -13.92 -21.76 -21.17
CA LEU A 293 -12.79 -20.89 -21.46
C LEU A 293 -12.81 -19.63 -20.61
N TYR A 294 -13.93 -18.93 -20.64
CA TYR A 294 -13.99 -17.59 -20.06
C TYR A 294 -13.86 -17.59 -18.54
N PRO A 295 -14.47 -18.57 -17.85
CA PRO A 295 -14.21 -18.64 -16.41
C PRO A 295 -12.73 -18.84 -16.10
N GLN A 296 -12.01 -19.48 -17.02
CA GLN A 296 -10.59 -19.74 -16.83
C GLN A 296 -9.72 -18.54 -17.18
N LEU A 297 -10.14 -17.78 -18.19
CA LEU A 297 -9.44 -16.55 -18.53
C LEU A 297 -9.62 -15.57 -17.38
N GLU A 298 -10.80 -15.59 -16.77
CA GLU A 298 -11.05 -14.76 -15.60
C GLU A 298 -10.11 -15.14 -14.49
N ARG A 299 -9.93 -16.44 -14.26
CA ARG A 299 -9.08 -16.92 -13.18
C ARG A 299 -7.63 -16.56 -13.44
N ALA A 300 -7.15 -16.94 -14.62
CA ALA A 300 -5.77 -16.70 -15.01
C ALA A 300 -5.45 -15.21 -14.89
N SER A 301 -6.34 -14.37 -15.42
CA SER A 301 -6.14 -12.93 -15.38
C SER A 301 -6.06 -12.44 -13.95
N ARG A 302 -6.88 -13.03 -13.07
CA ARG A 302 -6.92 -12.62 -11.68
C ARG A 302 -5.65 -13.03 -10.94
N LYS A 303 -5.21 -14.27 -11.15
CA LYS A 303 -4.02 -14.78 -10.45
C LYS A 303 -2.79 -13.93 -10.75
N ILE A 304 -2.61 -13.55 -12.01
CA ILE A 304 -1.52 -12.67 -12.42
C ILE A 304 -1.71 -11.28 -11.85
N PHE A 305 -2.96 -10.81 -11.83
CA PHE A 305 -3.27 -9.49 -11.31
C PHE A 305 -2.92 -9.41 -9.83
N GLU A 306 -3.34 -10.42 -9.07
CA GLU A 306 -3.04 -10.50 -7.65
C GLU A 306 -1.54 -10.58 -7.41
N PHE A 307 -0.85 -11.31 -8.28
CA PHE A 307 0.60 -11.43 -8.22
C PHE A 307 1.27 -10.07 -8.38
N LEU A 308 0.79 -9.27 -9.33
CA LEU A 308 1.39 -7.97 -9.60
C LEU A 308 1.22 -7.03 -8.41
N GLU A 309 0.11 -7.17 -7.69
CA GLU A 309 -0.17 -6.31 -6.53
C GLU A 309 0.80 -6.55 -5.38
N ARG A 310 0.93 -7.81 -4.98
CA ARG A 310 1.75 -8.15 -3.83
C ARG A 310 3.22 -8.01 -4.15
N GLU A 311 3.52 -7.77 -5.43
CA GLU A 311 4.89 -7.51 -5.85
C GLU A 311 5.10 -6.01 -6.06
N ASN A 312 4.11 -5.23 -5.65
CA ASN A 312 4.19 -3.77 -5.62
C ASN A 312 4.40 -3.12 -6.99
N PHE A 313 3.87 -3.74 -8.03
CA PHE A 313 3.89 -3.12 -9.37
C PHE A 313 2.65 -2.25 -9.57
N MET A 314 1.76 -2.23 -8.58
CA MET A 314 0.59 -1.35 -8.58
C MET A 314 -0.18 -1.44 -9.89
N PRO A 315 -0.91 -2.54 -10.08
CA PRO A 315 -1.68 -2.72 -11.31
C PRO A 315 -2.99 -1.94 -11.28
N LEU A 316 -3.42 -1.43 -12.44
CA LEU A 316 -4.65 -0.65 -12.54
C LEU A 316 -5.85 -1.55 -12.87
N ARG A 317 -5.90 -2.07 -14.08
CA ARG A 317 -6.96 -2.98 -14.49
C ARG A 317 -6.41 -4.19 -15.25
N SER A 318 -7.25 -5.22 -15.36
CA SER A 318 -6.94 -6.41 -16.13
C SER A 318 -7.98 -6.59 -17.22
N ALA A 319 -7.65 -7.40 -18.22
CA ALA A 319 -8.54 -7.64 -19.33
C ALA A 319 -8.06 -8.85 -20.11
N PHE A 320 -8.91 -9.40 -20.96
CA PHE A 320 -8.51 -10.52 -21.80
C PHE A 320 -9.32 -10.56 -23.09
N LYS A 321 -8.79 -11.25 -24.09
CA LYS A 321 -9.44 -11.38 -25.38
C LYS A 321 -9.19 -12.78 -25.93
N ALA A 322 -10.18 -13.31 -26.65
CA ALA A 322 -10.05 -14.63 -27.27
C ALA A 322 -10.30 -14.53 -28.77
N SER A 323 -9.21 -14.53 -29.54
CA SER A 323 -9.32 -14.58 -30.99
C SER A 323 -9.53 -16.03 -31.37
N GLU A 324 -9.47 -16.33 -32.66
CA GLU A 324 -9.73 -17.68 -33.12
C GLU A 324 -8.61 -18.64 -32.71
N GLU A 325 -7.37 -18.17 -32.83
CA GLU A 325 -6.20 -19.02 -32.59
C GLU A 325 -5.54 -18.78 -31.24
N PHE A 326 -5.62 -17.55 -30.74
CA PHE A 326 -4.91 -17.15 -29.53
C PHE A 326 -5.79 -16.53 -28.44
N CYS A 327 -5.27 -16.55 -27.21
CA CYS A 327 -5.87 -15.85 -26.08
C CYS A 327 -4.88 -14.80 -25.58
N TYR A 328 -5.39 -13.67 -25.11
CA TYR A 328 -4.56 -12.59 -24.61
C TYR A 328 -4.99 -12.19 -23.20
N LEU A 329 -4.03 -12.03 -22.29
CA LEU A 329 -4.29 -11.50 -20.96
C LEU A 329 -3.58 -10.16 -20.80
N LEU A 330 -4.35 -9.09 -20.78
CA LEU A 330 -3.80 -7.74 -20.74
C LEU A 330 -3.76 -7.18 -19.31
N PHE A 331 -2.74 -6.37 -19.05
CA PHE A 331 -2.52 -5.75 -17.74
C PHE A 331 -1.95 -4.35 -17.90
N GLU A 332 -2.32 -3.45 -17.00
CA GLU A 332 -1.72 -2.12 -16.97
C GLU A 332 -1.23 -1.80 -15.56
N CYS A 333 0.01 -1.32 -15.46
CA CYS A 333 0.65 -1.10 -14.16
C CYS A 333 1.20 0.31 -14.03
N GLN A 334 1.10 0.87 -12.83
CA GLN A 334 1.61 2.21 -12.56
C GLN A 334 3.14 2.23 -12.47
N ILE A 335 3.72 1.09 -12.11
CA ILE A 335 5.17 0.98 -11.97
C ILE A 335 5.79 0.25 -13.16
N LYS A 336 6.48 0.98 -14.02
CA LYS A 336 7.18 0.36 -15.16
C LYS A 336 8.45 -0.30 -14.66
N GLU A 337 9.04 0.25 -13.59
CA GLU A 337 10.25 -0.30 -13.02
C GLU A 337 10.35 0.03 -11.53
N ILE A 338 10.84 -0.94 -10.77
CA ILE A 338 11.05 -0.77 -9.34
C ILE A 338 12.52 -1.05 -9.01
N SER A 339 12.97 -0.55 -7.86
CA SER A 339 14.33 -0.78 -7.42
C SER A 339 14.55 -2.25 -7.13
N ARG A 340 15.80 -2.66 -7.06
CA ARG A 340 16.12 -4.05 -6.76
C ARG A 340 16.13 -4.29 -5.24
N VAL A 341 16.56 -3.29 -4.47
CA VAL A 341 16.56 -3.42 -3.02
C VAL A 341 15.18 -3.21 -2.45
N PHE A 342 14.89 -3.94 -1.38
CA PHE A 342 13.69 -3.71 -0.58
C PHE A 342 14.04 -4.08 0.85
N ARG A 343 13.26 -3.63 1.81
CA ARG A 343 13.56 -3.90 3.21
C ARG A 343 12.69 -5.02 3.75
N ARG A 344 13.36 -6.04 4.27
CA ARG A 344 12.72 -7.18 4.94
C ARG A 344 12.80 -7.01 6.45
N MET A 345 11.68 -7.25 7.12
CA MET A 345 11.60 -7.03 8.56
C MET A 345 12.30 -8.13 9.35
N GLY A 346 13.01 -7.71 10.40
CA GLY A 346 13.69 -8.63 11.29
C GLY A 346 13.02 -8.62 12.66
N PRO A 347 13.61 -9.35 13.62
CA PRO A 347 13.06 -9.48 14.99
C PRO A 347 13.36 -8.29 15.89
N GLN A 348 12.63 -8.15 16.99
CA GLN A 348 12.91 -7.11 17.98
C GLN A 348 14.25 -7.36 18.66
N PHE A 349 14.90 -6.29 19.12
CA PHE A 349 16.26 -6.37 19.64
C PHE A 349 16.36 -7.23 20.90
N GLU A 350 15.22 -7.49 21.56
CA GLU A 350 15.22 -8.22 22.83
C GLU A 350 15.73 -9.67 22.69
N ASP A 351 14.93 -10.54 22.09
CA ASP A 351 15.26 -11.97 22.03
C ASP A 351 16.39 -12.25 21.05
N GLU A 352 17.61 -12.34 21.58
CA GLU A 352 18.82 -12.42 20.76
C GLU A 352 18.95 -13.70 19.95
N ARG A 353 18.26 -14.75 20.37
CA ARG A 353 18.31 -16.04 19.67
C ARG A 353 17.84 -15.87 18.24
N ASN A 354 16.75 -15.11 18.07
CA ASN A 354 16.21 -14.85 16.74
C ASN A 354 17.07 -13.81 15.99
N VAL A 355 17.53 -12.80 16.73
CA VAL A 355 18.36 -11.77 16.14
C VAL A 355 19.68 -12.34 15.63
N LYS A 356 20.26 -13.27 16.39
CA LYS A 356 21.52 -13.87 16.00
C LYS A 356 21.35 -14.65 14.70
N LYS A 357 20.23 -15.35 14.59
CA LYS A 357 19.90 -16.10 13.38
C LYS A 357 19.70 -15.15 12.20
N PHE A 358 19.02 -14.03 12.46
CA PHE A 358 18.69 -13.06 11.43
C PHE A 358 19.94 -12.40 10.86
N LEU A 359 20.83 -11.96 11.73
CA LEU A 359 22.03 -11.24 11.32
C LEU A 359 23.12 -12.17 10.78
N SER A 360 22.93 -13.47 10.95
CA SER A 360 23.92 -14.44 10.49
C SER A 360 23.84 -14.59 8.98
N ARG A 361 22.66 -14.38 8.43
CA ARG A 361 22.45 -14.51 6.99
C ARG A 361 23.35 -13.55 6.21
N ASN A 362 24.07 -14.10 5.24
CA ASN A 362 24.98 -13.31 4.40
C ASN A 362 24.21 -12.38 3.47
N ARG A 363 24.39 -11.08 3.68
CA ARG A 363 23.72 -10.06 2.87
C ARG A 363 24.73 -9.11 2.24
N ALA A 364 24.33 -8.47 1.15
CA ALA A 364 25.23 -7.58 0.42
C ALA A 364 25.44 -6.26 1.17
N PHE A 365 24.40 -5.83 1.89
CA PHE A 365 24.46 -4.60 2.68
C PHE A 365 24.31 -4.90 4.18
N ARG A 366 24.61 -3.91 5.00
CA ARG A 366 24.54 -4.07 6.45
C ARG A 366 23.11 -3.78 6.95
N PRO A 367 22.57 -4.65 7.82
CA PRO A 367 21.24 -4.40 8.41
C PRO A 367 21.21 -3.24 9.40
N PHE A 368 20.02 -2.85 9.84
CA PHE A 368 19.87 -1.69 10.72
C PHE A 368 18.72 -1.83 11.72
N ILE A 369 18.72 -0.96 12.72
CA ILE A 369 17.65 -0.93 13.71
C ILE A 369 16.73 0.26 13.44
N GLU A 370 15.43 0.02 13.55
CA GLU A 370 14.44 1.06 13.35
C GLU A 370 13.21 0.87 14.24
N ASN A 371 12.92 1.89 15.04
CA ASN A 371 11.77 1.90 15.94
C ASN A 371 11.67 0.63 16.80
N GLY A 372 12.82 0.06 17.13
CA GLY A 372 12.89 -1.02 18.11
C GLY A 372 13.06 -2.42 17.57
N ARG A 373 13.12 -2.58 16.24
CA ARG A 373 13.39 -3.89 15.65
C ARG A 373 14.38 -3.82 14.49
N TRP A 374 14.94 -4.98 14.15
CA TRP A 374 15.97 -5.07 13.12
C TRP A 374 15.35 -5.16 11.72
N TRP A 375 16.06 -4.62 10.75
CA TRP A 375 15.65 -4.66 9.36
C TRP A 375 16.86 -4.95 8.48
N ALA A 376 16.62 -5.56 7.33
CA ALA A 376 17.69 -5.86 6.39
C ALA A 376 17.28 -5.47 4.98
N PHE A 377 18.27 -5.04 4.18
CA PHE A 377 18.07 -4.81 2.76
C PHE A 377 18.32 -6.10 1.98
N GLU A 378 17.35 -6.48 1.17
CA GLU A 378 17.47 -7.64 0.29
C GLU A 378 17.08 -7.27 -1.14
N MET A 379 17.52 -8.08 -2.09
CA MET A 379 17.35 -7.78 -3.52
C MET A 379 16.15 -8.50 -4.14
N ARG A 380 15.49 -7.85 -5.09
CA ARG A 380 14.42 -8.48 -5.86
C ARG A 380 15.01 -9.31 -6.99
N LYS A 381 14.27 -10.31 -7.45
CA LYS A 381 14.76 -11.18 -8.53
C LYS A 381 14.31 -10.67 -9.90
N PHE A 382 13.44 -9.67 -9.89
CA PHE A 382 13.00 -9.01 -11.12
C PHE A 382 12.58 -7.58 -10.77
N THR A 383 12.69 -6.68 -11.73
CA THR A 383 12.49 -5.26 -11.47
C THR A 383 11.45 -4.61 -12.37
N THR A 384 10.77 -5.40 -13.18
CA THR A 384 9.69 -4.90 -14.02
C THR A 384 8.49 -5.85 -14.00
N PRO A 385 7.30 -5.34 -14.31
CA PRO A 385 6.14 -6.24 -14.35
C PRO A 385 6.30 -7.36 -15.37
N GLU A 386 6.81 -7.02 -16.57
CA GLU A 386 6.99 -7.99 -17.63
C GLU A 386 7.89 -9.13 -17.17
N GLU A 387 8.99 -8.79 -16.50
CA GLU A 387 9.93 -9.78 -16.01
C GLU A 387 9.30 -10.63 -14.91
N GLY A 388 8.43 -10.02 -14.13
CA GLY A 388 7.78 -10.71 -13.03
C GLY A 388 6.77 -11.71 -13.55
N VAL A 389 5.96 -11.27 -14.50
CA VAL A 389 4.91 -12.10 -15.08
C VAL A 389 5.51 -13.25 -15.86
N ARG A 390 6.67 -13.01 -16.48
CA ARG A 390 7.39 -14.05 -17.19
C ARG A 390 7.70 -15.19 -16.23
N SER A 391 8.16 -14.82 -15.05
CA SER A 391 8.51 -15.80 -14.02
C SER A 391 7.30 -16.54 -13.47
N TYR A 392 6.27 -15.79 -13.12
CA TYR A 392 5.06 -16.38 -12.52
C TYR A 392 4.36 -17.33 -13.50
N ALA A 393 4.20 -16.89 -14.74
CA ALA A 393 3.52 -17.70 -15.74
C ALA A 393 4.33 -18.93 -16.09
N SER A 394 5.64 -18.85 -15.90
CA SER A 394 6.52 -19.98 -16.19
C SER A 394 6.42 -21.05 -15.11
N THR A 395 6.51 -20.64 -13.85
CA THR A 395 6.52 -21.56 -12.72
C THR A 395 5.13 -21.94 -12.25
N HIS A 396 4.24 -20.95 -12.14
CA HIS A 396 2.90 -21.17 -11.62
C HIS A 396 1.87 -21.31 -12.74
N TRP A 397 2.24 -22.02 -13.80
CA TRP A 397 1.33 -22.20 -14.94
C TRP A 397 0.08 -22.99 -14.52
N HIS A 398 0.25 -23.88 -13.56
CA HIS A 398 -0.80 -24.85 -13.23
C HIS A 398 -2.00 -24.22 -12.51
N THR A 399 -1.79 -23.08 -11.87
CA THR A 399 -2.85 -22.48 -11.07
C THR A 399 -3.71 -21.53 -11.91
N LEU A 400 -3.39 -21.37 -13.20
CA LEU A 400 -4.08 -20.42 -14.06
C LEU A 400 -5.27 -21.04 -14.80
N GLY A 401 -5.90 -22.04 -14.20
CA GLY A 401 -7.01 -22.74 -14.82
C GLY A 401 -6.52 -23.95 -15.59
N LYS A 402 -7.30 -25.02 -15.56
CA LYS A 402 -6.87 -26.32 -16.09
C LYS A 402 -6.35 -26.25 -17.53
N ASN A 403 -7.20 -25.81 -18.45
CA ASN A 403 -6.86 -25.82 -19.86
C ASN A 403 -5.99 -24.64 -20.27
N VAL A 404 -6.26 -23.48 -19.70
CA VAL A 404 -5.46 -22.30 -19.98
C VAL A 404 -4.04 -22.53 -19.48
N GLY A 405 -3.92 -23.07 -18.26
CA GLY A 405 -2.63 -23.28 -17.63
C GLY A 405 -1.75 -24.28 -18.37
N GLU A 406 -2.38 -25.29 -18.94
CA GLU A 406 -1.67 -26.31 -19.69
C GLU A 406 -1.25 -25.77 -21.05
N SER A 407 -2.05 -24.84 -21.58
CA SER A 407 -1.72 -24.19 -22.84
C SER A 407 -0.62 -23.16 -22.64
N ILE A 408 -0.62 -22.51 -21.48
CA ILE A 408 0.43 -21.54 -21.16
C ILE A 408 1.72 -22.28 -20.91
N ARG A 409 1.62 -23.50 -20.36
CA ARG A 409 2.79 -24.32 -20.11
C ARG A 409 3.54 -24.62 -21.40
N GLU A 410 2.80 -25.05 -22.41
CA GLU A 410 3.41 -25.46 -23.67
C GLU A 410 4.01 -24.26 -24.40
N TYR A 411 3.44 -23.08 -24.19
CA TYR A 411 3.98 -21.86 -24.81
C TYR A 411 3.24 -20.59 -24.42
N PHE A 412 4.00 -19.53 -24.17
CA PHE A 412 3.44 -18.20 -24.01
C PHE A 412 4.54 -17.16 -24.24
N GLU A 413 4.14 -15.92 -24.46
CA GLU A 413 5.09 -14.82 -24.64
C GLU A 413 4.48 -13.51 -24.17
N ILE A 414 5.30 -12.64 -23.60
CA ILE A 414 4.83 -11.34 -23.15
C ILE A 414 5.06 -10.28 -24.22
N ILE A 415 3.95 -9.75 -24.75
CA ILE A 415 3.98 -8.72 -25.79
C ILE A 415 3.79 -7.33 -25.17
N SER A 416 4.63 -6.39 -25.59
CA SER A 416 4.56 -5.02 -25.06
C SER A 416 4.79 -3.98 -26.14
N GLY A 417 4.47 -2.74 -25.82
CA GLY A 417 4.71 -1.62 -26.72
C GLY A 417 3.95 -1.69 -28.03
N GLU A 418 4.60 -1.23 -29.10
CA GLU A 418 3.98 -1.14 -30.41
C GLU A 418 3.60 -2.51 -30.98
N LYS A 419 4.39 -3.54 -30.63
CA LYS A 419 4.12 -4.88 -31.15
C LYS A 419 2.76 -5.37 -30.65
N LEU A 420 2.31 -4.82 -29.53
CA LEU A 420 1.03 -5.18 -28.93
C LEU A 420 -0.14 -4.59 -29.71
N PHE A 421 0.02 -3.35 -30.15
CA PHE A 421 -1.07 -2.62 -30.79
C PHE A 421 -1.43 -3.21 -32.14
N LYS A 422 -0.52 -4.00 -32.70
CA LYS A 422 -0.78 -4.69 -33.97
C LYS A 422 -1.50 -6.02 -33.73
N GLU A 423 -1.79 -6.33 -32.48
CA GLU A 423 -2.55 -7.53 -32.12
C GLU A 423 -4.04 -7.21 -32.06
N PRO A 424 -4.90 -8.24 -32.17
CA PRO A 424 -6.35 -8.01 -32.15
C PRO A 424 -6.89 -7.64 -30.77
N VAL A 425 -6.27 -6.68 -30.09
CA VAL A 425 -6.66 -6.32 -28.73
C VAL A 425 -6.89 -4.83 -28.53
N THR A 426 -6.97 -4.08 -29.63
CA THR A 426 -7.14 -2.64 -29.54
C THR A 426 -8.44 -2.29 -28.82
N ALA A 427 -9.54 -2.90 -29.23
CA ALA A 427 -10.83 -2.64 -28.61
C ALA A 427 -10.78 -2.89 -27.10
N GLU A 428 -10.13 -3.99 -26.70
CA GLU A 428 -10.04 -4.35 -25.28
C GLU A 428 -9.17 -3.36 -24.52
N LEU A 429 -8.13 -2.86 -25.16
CA LEU A 429 -7.23 -1.89 -24.54
C LEU A 429 -7.93 -0.57 -24.27
N CYS A 430 -8.72 -0.13 -25.25
CA CYS A 430 -9.42 1.14 -25.13
C CYS A 430 -10.46 1.11 -24.02
N GLU A 431 -11.11 -0.04 -23.85
CA GLU A 431 -12.07 -0.20 -22.77
C GLU A 431 -11.35 -0.17 -21.43
N MET A 432 -10.24 -0.89 -21.35
CA MET A 432 -9.47 -1.03 -20.14
C MET A 432 -8.88 0.29 -19.65
N MET A 433 -8.39 1.08 -20.59
CA MET A 433 -7.73 2.34 -20.27
C MET A 433 -8.72 3.52 -20.16
N GLY A 434 -9.96 3.30 -20.60
CA GLY A 434 -10.98 4.34 -20.53
C GLY A 434 -10.86 5.32 -21.68
N VAL A 435 -10.29 4.87 -22.79
CA VAL A 435 -10.14 5.68 -23.99
C VAL A 435 -11.50 6.18 -24.45
N LYS A 436 -11.58 7.47 -24.74
CA LYS A 436 -12.84 8.09 -25.15
C LYS A 436 -13.00 8.06 -26.67
N ASP A 437 -14.24 7.88 -27.10
CA ASP A 437 -14.59 7.99 -28.51
C ASP A 437 -13.85 6.95 -29.33
N SER A 438 -13.88 5.71 -28.85
CA SER A 438 -13.36 4.56 -29.59
C SER A 438 -14.51 3.65 -30.01
N ASN A 439 -15.73 4.17 -29.88
CA ASN A 439 -16.96 3.43 -30.20
C ASN A 439 -17.89 4.25 -31.07
N SER A 440 -18.76 3.58 -31.80
CA SER A 440 -19.78 4.25 -32.59
C SER A 440 -20.99 3.35 -32.80
N SER A 441 -22.13 3.97 -33.09
CA SER A 441 -23.37 3.25 -33.35
C SER A 441 -23.87 3.60 -34.76
N SER A 442 -22.93 3.90 -35.64
CA SER A 442 -23.27 4.24 -37.02
C SER A 442 -23.66 2.99 -37.81
N VAL A 443 -24.66 3.14 -38.68
CA VAL A 443 -25.14 2.04 -39.50
C VAL A 443 -24.72 2.22 -40.96
N MET C 1 45.94 -9.76 25.35
CA MET C 1 44.84 -9.60 24.36
C MET C 1 43.60 -10.39 24.77
N LYS C 2 43.56 -10.81 26.03
CA LYS C 2 42.45 -11.60 26.55
C LYS C 2 41.23 -10.72 26.81
N VAL C 3 40.30 -11.22 27.64
CA VAL C 3 39.09 -10.50 27.97
C VAL C 3 39.37 -9.42 29.02
N GLU C 4 40.30 -9.73 29.92
CA GLU C 4 40.66 -8.83 31.02
C GLU C 4 41.85 -7.95 30.62
N GLU C 5 42.69 -8.47 29.72
CA GLU C 5 43.88 -7.76 29.26
C GLU C 5 43.53 -6.49 28.49
N ILE C 6 42.36 -6.49 27.86
CA ILE C 6 41.95 -5.37 27.00
C ILE C 6 41.34 -4.21 27.80
N LEU C 7 40.56 -4.52 28.84
CA LEU C 7 39.99 -3.46 29.68
C LEU C 7 41.08 -2.66 30.39
N GLU C 8 42.26 -3.27 30.50
CA GLU C 8 43.43 -2.60 31.06
C GLU C 8 43.98 -1.57 30.06
N LYS C 9 44.18 -2.02 28.83
CA LYS C 9 44.71 -1.17 27.77
C LYS C 9 43.72 -0.05 27.41
N ALA C 10 42.44 -0.28 27.71
CA ALA C 10 41.39 0.70 27.42
C ALA C 10 41.35 1.82 28.46
N LEU C 11 41.87 1.54 29.65
CA LEU C 11 41.96 2.55 30.70
C LEU C 11 42.99 3.62 30.33
N GLU C 12 43.89 3.29 29.41
CA GLU C 12 44.94 4.22 28.98
C GLU C 12 44.38 5.38 28.15
N LEU C 13 43.14 5.23 27.70
CA LEU C 13 42.49 6.24 26.87
C LEU C 13 41.37 7.01 27.60
N VAL C 14 40.69 6.35 28.54
CA VAL C 14 39.54 6.97 29.19
C VAL C 14 39.92 7.70 30.47
N ILE C 15 41.12 7.42 31.00
CA ILE C 15 41.62 8.13 32.17
C ILE C 15 42.49 9.30 31.70
N PRO C 16 42.19 10.54 32.16
CA PRO C 16 42.98 11.71 31.75
C PRO C 16 44.43 11.68 32.24
N ASP C 17 45.36 11.97 31.35
CA ASP C 17 46.77 12.06 31.70
C ASP C 17 47.00 13.22 32.67
N GLU C 18 48.13 13.18 33.38
CA GLU C 18 48.42 14.13 34.45
C GLU C 18 48.65 15.56 33.96
N GLU C 19 49.01 15.71 32.68
CA GLU C 19 49.25 17.04 32.11
C GLU C 19 47.92 17.78 31.94
N GLU C 20 46.86 17.01 31.72
CA GLU C 20 45.51 17.55 31.56
C GLU C 20 44.93 17.93 32.91
N VAL C 21 45.18 17.10 33.93
CA VAL C 21 44.68 17.35 35.27
C VAL C 21 45.31 18.62 35.87
N ARG C 22 46.63 18.76 35.67
CA ARG C 22 47.35 19.92 36.18
C ARG C 22 46.76 21.22 35.63
N LYS C 23 46.51 21.23 34.32
CA LYS C 23 45.90 22.37 33.67
C LYS C 23 44.50 22.61 34.22
N GLY C 24 43.85 21.52 34.64
CA GLY C 24 42.50 21.58 35.17
C GLY C 24 42.42 22.10 36.59
N ARG C 25 43.28 21.58 37.47
CA ARG C 25 43.27 22.00 38.86
C ARG C 25 43.76 23.44 39.00
N GLU C 26 44.70 23.82 38.15
CA GLU C 26 45.23 25.19 38.13
C GLU C 26 44.13 26.18 37.72
N ALA C 27 43.29 25.75 36.77
CA ALA C 27 42.18 26.57 36.31
C ALA C 27 41.05 26.63 37.34
N GLU C 28 40.88 25.54 38.10
CA GLU C 28 39.92 25.52 39.20
C GLU C 28 40.35 26.49 40.28
N GLU C 29 41.67 26.56 40.47
CA GLU C 29 42.28 27.44 41.46
C GLU C 29 42.05 28.90 41.08
N GLU C 30 42.20 29.20 39.79
CA GLU C 30 42.06 30.56 39.29
C GLU C 30 40.62 31.08 39.37
N LEU C 31 39.66 30.17 39.23
CA LEU C 31 38.24 30.52 39.29
C LEU C 31 37.78 30.91 40.70
N ARG C 32 38.15 30.09 41.69
CA ARG C 32 37.78 30.32 43.07
C ARG C 32 38.32 31.65 43.58
N ARG C 33 39.49 32.05 43.06
CA ARG C 33 40.07 33.34 43.39
C ARG C 33 39.05 34.42 43.04
N ARG C 34 38.50 34.31 41.84
CA ARG C 34 37.59 35.30 41.30
C ARG C 34 36.18 35.19 41.89
N LEU C 35 35.73 33.97 42.16
CA LEU C 35 34.39 33.75 42.71
C LEU C 35 34.29 34.22 44.15
N ASP C 36 35.30 33.87 44.95
CA ASP C 36 35.34 34.29 46.36
C ASP C 36 35.54 35.79 46.46
N GLU C 37 36.34 36.33 45.54
CA GLU C 37 36.58 37.77 45.47
C GLU C 37 35.28 38.50 45.17
N LEU C 38 34.39 37.83 44.45
CA LEU C 38 33.09 38.41 44.10
C LEU C 38 32.06 38.09 45.19
N GLY C 39 32.42 37.19 46.10
CA GLY C 39 31.55 36.85 47.22
C GLY C 39 30.20 36.30 46.80
N VAL C 40 30.21 35.26 45.97
CA VAL C 40 28.99 34.59 45.50
C VAL C 40 28.93 33.16 46.02
N GLU C 41 27.74 32.70 46.37
CA GLU C 41 27.56 31.32 46.80
C GLU C 41 27.54 30.42 45.57
N TYR C 42 28.54 29.55 45.48
CA TYR C 42 28.69 28.67 44.32
C TYR C 42 29.04 27.25 44.73
N VAL C 43 29.08 26.35 43.75
CA VAL C 43 29.47 24.96 43.96
C VAL C 43 30.02 24.37 42.67
N PHE C 44 31.04 23.52 42.79
CA PHE C 44 31.58 22.78 41.65
C PHE C 44 30.90 21.42 41.51
N VAL C 45 30.34 21.16 40.33
CA VAL C 45 29.67 19.90 40.04
C VAL C 45 30.20 19.32 38.73
N GLY C 46 29.55 18.25 38.28
CA GLY C 46 29.87 17.66 36.98
C GLY C 46 30.95 16.61 37.03
N SER C 47 31.44 16.23 35.86
CA SER C 47 32.42 15.16 35.75
C SER C 47 33.77 15.58 36.33
N TYR C 48 33.94 16.88 36.53
CA TYR C 48 35.19 17.40 37.06
C TYR C 48 35.19 17.42 38.59
N ALA C 49 34.04 17.71 39.18
CA ALA C 49 33.90 17.78 40.63
C ALA C 49 33.86 16.37 41.25
N ARG C 50 33.78 15.35 40.41
CA ARG C 50 33.77 13.96 40.86
C ARG C 50 34.90 13.15 40.23
N ASN C 51 35.72 13.82 39.42
CA ASN C 51 36.83 13.17 38.73
C ASN C 51 36.37 11.96 37.91
N THR C 52 35.41 12.19 37.03
CA THR C 52 34.89 11.16 36.13
C THR C 52 34.90 11.65 34.68
N TRP C 53 35.71 12.66 34.40
CA TRP C 53 35.78 13.20 33.03
C TRP C 53 36.77 12.42 32.18
N LEU C 54 36.44 12.25 30.91
CA LEU C 54 37.29 11.50 29.99
C LEU C 54 38.47 12.33 29.49
N LYS C 55 39.53 11.63 29.08
CA LYS C 55 40.71 12.27 28.54
C LYS C 55 40.35 13.07 27.30
N GLY C 56 40.78 14.33 27.25
CA GLY C 56 40.53 15.19 26.12
C GLY C 56 39.17 15.88 26.21
N SER C 57 38.33 15.41 27.11
CA SER C 57 36.99 15.96 27.31
C SER C 57 36.91 16.70 28.65
N LEU C 58 37.89 17.56 28.89
CA LEU C 58 37.96 18.31 30.15
C LEU C 58 37.00 19.49 30.15
N GLU C 59 36.06 19.47 31.08
CA GLU C 59 35.13 20.58 31.27
C GLU C 59 34.86 20.79 32.76
N ILE C 60 35.02 22.03 33.21
CA ILE C 60 34.72 22.38 34.59
C ILE C 60 33.35 23.04 34.62
N ASP C 61 32.49 22.59 35.53
CA ASP C 61 31.17 23.17 35.70
C ASP C 61 31.03 23.81 37.08
N VAL C 62 30.56 25.06 37.09
CA VAL C 62 30.38 25.81 38.32
C VAL C 62 28.98 26.41 38.39
N PHE C 63 28.23 25.99 39.40
CA PHE C 63 26.89 26.50 39.63
C PHE C 63 26.88 27.67 40.60
N LEU C 64 26.09 28.70 40.27
CA LEU C 64 25.87 29.82 41.17
C LEU C 64 24.48 29.68 41.81
N LEU C 65 24.44 29.69 43.13
CA LEU C 65 23.20 29.47 43.88
C LEU C 65 22.60 30.76 44.41
N PHE C 66 21.42 31.13 43.88
CA PHE C 66 20.71 32.33 44.31
C PHE C 66 19.41 31.98 45.07
N PRO C 67 18.90 32.92 45.88
CA PRO C 67 17.62 32.72 46.61
C PRO C 67 16.46 32.37 45.69
N GLU C 68 15.44 31.71 46.23
CA GLU C 68 14.28 31.31 45.44
C GLU C 68 13.50 32.52 44.95
N GLU C 69 13.49 33.59 45.75
CA GLU C 69 12.66 34.76 45.44
C GLU C 69 13.16 35.52 44.23
N PHE C 70 14.38 35.22 43.78
CA PHE C 70 14.93 35.86 42.59
C PHE C 70 14.05 35.59 41.38
N SER C 71 13.76 36.64 40.61
CA SER C 71 12.98 36.52 39.38
C SER C 71 13.72 35.62 38.40
N LYS C 72 12.97 35.06 37.45
CA LYS C 72 13.59 34.25 36.41
C LYS C 72 14.54 35.12 35.60
N GLU C 73 14.18 36.40 35.47
CA GLU C 73 15.02 37.37 34.77
C GLU C 73 16.25 37.75 35.60
N GLU C 74 16.03 37.94 36.90
CA GLU C 74 17.09 38.34 37.82
C GLU C 74 18.12 37.21 37.93
N LEU C 75 17.64 35.98 37.94
CA LEU C 75 18.50 34.80 37.98
C LEU C 75 19.44 34.80 36.77
N ARG C 76 18.87 35.10 35.61
CA ARG C 76 19.65 35.17 34.37
C ARG C 76 20.60 36.37 34.39
N GLU C 77 20.02 37.54 34.60
CA GLU C 77 20.74 38.80 34.48
C GLU C 77 21.92 38.91 35.44
N ARG C 78 21.82 38.29 36.62
CA ARG C 78 22.94 38.28 37.55
C ARG C 78 23.88 37.10 37.30
N GLY C 79 23.29 35.95 37.00
CA GLY C 79 24.06 34.75 36.73
C GLY C 79 25.04 34.94 35.58
N LEU C 80 24.54 35.44 34.47
CA LEU C 80 25.37 35.71 33.30
C LEU C 80 26.38 36.83 33.60
N GLU C 81 25.94 37.82 34.37
CA GLU C 81 26.77 38.97 34.71
C GLU C 81 28.03 38.54 35.47
N ILE C 82 27.86 37.62 36.42
CA ILE C 82 28.98 37.09 37.17
C ILE C 82 29.89 36.27 36.26
N GLY C 83 29.28 35.44 35.42
CA GLY C 83 30.02 34.59 34.52
C GLY C 83 31.01 35.35 33.66
N LYS C 84 30.53 36.37 32.96
CA LYS C 84 31.38 37.16 32.07
C LYS C 84 32.52 37.83 32.83
N ALA C 85 32.25 38.14 34.10
CA ALA C 85 33.23 38.84 34.93
C ALA C 85 34.36 37.91 35.34
N VAL C 86 34.08 36.61 35.36
CA VAL C 86 35.02 35.63 35.89
C VAL C 86 35.81 34.95 34.77
N LEU C 87 35.24 34.91 33.57
CA LEU C 87 35.86 34.22 32.45
C LEU C 87 36.72 35.16 31.61
N ASP C 88 37.83 34.64 31.10
CA ASP C 88 38.72 35.40 30.24
C ASP C 88 37.97 35.82 28.97
N SER C 89 37.55 34.82 28.20
CA SER C 89 36.67 35.03 27.04
C SER C 89 35.43 34.17 27.24
N TYR C 90 34.32 34.57 26.64
CA TYR C 90 33.07 33.84 26.80
C TYR C 90 32.23 33.81 25.52
N GLU C 91 31.15 33.06 25.56
CA GLU C 91 30.28 32.89 24.41
C GLU C 91 28.90 32.43 24.87
N ILE C 92 27.94 33.35 24.87
CA ILE C 92 26.62 33.09 25.43
C ILE C 92 25.62 32.71 24.36
N ARG C 93 25.11 31.48 24.46
CA ARG C 93 24.20 30.93 23.46
C ARG C 93 23.55 29.66 24.02
N TYR C 94 22.26 29.75 24.35
CA TYR C 94 21.54 28.65 24.96
C TYR C 94 20.15 28.47 24.33
N ALA C 95 19.42 27.46 24.79
CA ALA C 95 18.12 27.11 24.21
C ALA C 95 16.96 27.53 25.12
N GLU C 96 17.15 27.37 26.43
CA GLU C 96 16.14 27.76 27.40
C GLU C 96 16.78 28.34 28.67
N HIS C 97 17.57 27.51 29.35
CA HIS C 97 18.22 27.94 30.59
C HIS C 97 19.53 28.67 30.31
N PRO C 98 19.69 29.88 30.87
CA PRO C 98 20.88 30.68 30.57
C PRO C 98 22.15 30.13 31.20
N TYR C 99 23.28 30.28 30.51
CA TYR C 99 24.59 29.96 31.06
C TYR C 99 25.68 30.61 30.23
N VAL C 100 26.91 30.59 30.75
CA VAL C 100 28.04 31.21 30.06
C VAL C 100 29.11 30.16 29.78
N HIS C 101 29.33 29.91 28.49
CA HIS C 101 30.41 29.04 28.04
C HIS C 101 31.64 29.89 27.73
N GLY C 102 32.79 29.51 28.26
CA GLY C 102 34.00 30.27 28.02
C GLY C 102 35.32 29.54 28.26
N VAL C 103 36.36 30.33 28.47
CA VAL C 103 37.73 29.81 28.60
C VAL C 103 38.43 30.44 29.81
N VAL C 104 39.25 29.65 30.50
CA VAL C 104 40.09 30.14 31.58
C VAL C 104 41.44 29.45 31.54
N LYS C 105 42.46 30.21 31.15
CA LYS C 105 43.82 29.69 31.02
C LYS C 105 43.83 28.47 30.08
N GLY C 106 42.88 28.42 29.16
CA GLY C 106 42.84 27.39 28.14
C GLY C 106 41.95 26.19 28.45
N VAL C 107 41.17 26.26 29.54
CA VAL C 107 40.29 25.16 29.89
C VAL C 107 38.82 25.52 29.69
N GLU C 108 38.00 24.52 29.37
CA GLU C 108 36.57 24.69 29.18
C GLU C 108 35.85 24.94 30.50
N VAL C 109 35.07 26.03 30.57
CA VAL C 109 34.31 26.36 31.77
C VAL C 109 32.86 26.74 31.46
N ASP C 110 31.93 26.22 32.24
CA ASP C 110 30.51 26.59 32.17
C ASP C 110 30.02 27.14 33.51
N VAL C 111 29.52 28.38 33.49
CA VAL C 111 29.00 29.03 34.70
C VAL C 111 27.47 29.07 34.67
N VAL C 112 26.83 28.19 35.43
CA VAL C 112 25.37 28.04 35.37
C VAL C 112 24.66 28.64 36.59
N PRO C 113 23.63 29.48 36.36
CA PRO C 113 22.82 29.97 37.49
C PRO C 113 21.74 28.97 37.90
N CYS C 114 21.41 28.93 39.19
CA CYS C 114 20.35 28.06 39.68
C CYS C 114 19.82 28.50 41.05
N TYR C 115 18.73 27.87 41.49
CA TYR C 115 18.13 28.17 42.79
C TYR C 115 18.64 27.23 43.89
N LYS C 116 19.00 27.80 45.05
CA LYS C 116 19.38 26.98 46.20
C LYS C 116 18.12 26.44 46.89
N LEU C 117 17.68 25.27 46.46
CA LEU C 117 16.50 24.65 47.02
C LEU C 117 16.87 23.73 48.17
N LYS C 118 15.91 23.53 49.06
CA LYS C 118 15.95 22.45 50.04
C LYS C 118 14.90 21.44 49.59
N GLU C 119 15.33 20.20 49.36
CA GLU C 119 14.52 19.17 48.71
C GLU C 119 14.17 19.56 47.26
N PRO C 120 14.63 18.75 46.28
CA PRO C 120 14.32 19.02 44.88
C PRO C 120 13.09 18.24 44.42
N LYS C 121 11.95 18.53 45.04
CA LYS C 121 10.70 17.84 44.73
C LYS C 121 10.03 18.50 43.53
N ASN C 122 9.55 19.73 43.73
CA ASN C 122 8.96 20.52 42.65
C ASN C 122 9.93 21.60 42.21
N ILE C 123 10.99 21.17 41.54
CA ILE C 123 12.03 22.07 41.04
C ILE C 123 11.46 23.28 40.30
N LYS C 124 12.19 24.39 40.38
CA LYS C 124 11.74 25.67 39.82
C LYS C 124 12.44 25.96 38.50
N SER C 125 13.73 25.64 38.43
CA SER C 125 14.50 25.72 37.19
C SER C 125 14.73 24.31 36.64
N ALA C 126 15.26 24.23 35.43
CA ALA C 126 15.48 22.94 34.78
C ALA C 126 16.72 22.23 35.33
N VAL C 127 17.66 23.00 35.86
CA VAL C 127 18.96 22.45 36.27
C VAL C 127 19.11 22.37 37.78
N ASP C 128 18.02 22.58 38.51
CA ASP C 128 18.06 22.61 39.98
C ASP C 128 18.33 21.23 40.59
N ARG C 129 18.33 20.19 39.77
CA ARG C 129 18.61 18.84 40.25
C ARG C 129 20.12 18.57 40.33
N THR C 130 20.90 19.39 39.65
CA THR C 130 22.32 19.14 39.48
C THR C 130 23.13 19.31 40.77
N PRO C 131 22.77 20.30 41.61
CA PRO C 131 23.45 20.39 42.91
C PRO C 131 23.15 19.18 43.80
N PHE C 132 21.88 18.74 43.81
CA PHE C 132 21.49 17.56 44.57
C PHE C 132 22.10 16.29 44.01
N HIS C 133 22.38 16.30 42.70
CA HIS C 133 23.05 15.17 42.06
C HIS C 133 24.45 14.97 42.63
N HIS C 134 25.17 16.07 42.81
CA HIS C 134 26.54 16.01 43.30
C HIS C 134 26.61 15.62 44.78
N LYS C 135 25.61 16.06 45.55
CA LYS C 135 25.55 15.77 46.98
C LYS C 135 25.22 14.30 47.23
N TRP C 136 24.41 13.73 46.34
CA TRP C 136 23.95 12.34 46.47
C TRP C 136 24.98 11.33 45.96
N LEU C 137 25.83 11.76 45.04
CA LEU C 137 26.73 10.85 44.33
C LEU C 137 28.13 10.81 44.91
N GLU C 138 28.56 11.91 45.54
CA GLU C 138 29.93 12.03 46.01
C GLU C 138 30.33 10.90 46.95
N GLY C 139 29.37 10.47 47.77
CA GLY C 139 29.60 9.46 48.79
C GLY C 139 29.47 8.02 48.28
N ARG C 140 28.69 7.84 47.21
CA ARG C 140 28.44 6.49 46.68
C ARG C 140 29.35 6.14 45.50
N ILE C 141 29.79 7.14 44.75
CA ILE C 141 30.59 6.91 43.55
C ILE C 141 32.09 6.84 43.85
N LYS C 142 32.47 7.24 45.06
CA LYS C 142 33.88 7.38 45.39
C LYS C 142 34.63 6.06 45.27
N GLY C 143 35.72 6.08 44.50
CA GLY C 143 36.55 4.90 44.30
C GLY C 143 36.21 4.16 43.02
N LYS C 144 34.96 4.27 42.59
CA LYS C 144 34.48 3.57 41.40
C LYS C 144 34.48 4.51 40.20
N GLU C 145 35.25 5.60 40.30
CA GLU C 145 35.28 6.62 39.27
C GLU C 145 35.76 6.08 37.92
N ASN C 146 36.70 5.14 37.95
CA ASN C 146 37.25 4.58 36.72
C ASN C 146 36.29 3.61 36.06
N GLU C 147 35.36 3.06 36.84
CA GLU C 147 34.31 2.22 36.30
C GLU C 147 33.36 3.06 35.46
N VAL C 148 33.23 4.34 35.84
CA VAL C 148 32.43 5.29 35.07
C VAL C 148 33.14 5.67 33.77
N ARG C 149 34.45 5.90 33.87
CA ARG C 149 35.24 6.30 32.71
C ARG C 149 35.27 5.21 31.63
N LEU C 150 35.13 3.96 32.05
CA LEU C 150 35.06 2.84 31.11
C LEU C 150 33.73 2.84 30.35
N LEU C 151 32.64 3.12 31.06
CA LEU C 151 31.31 3.13 30.46
C LEU C 151 31.12 4.33 29.54
N LYS C 152 31.55 5.50 29.99
CA LYS C 152 31.46 6.74 29.21
C LYS C 152 32.31 6.68 27.93
N GLY C 153 33.46 6.04 28.00
CA GLY C 153 34.33 5.91 26.84
C GLY C 153 33.76 4.90 25.85
N PHE C 154 33.11 3.88 26.38
CA PHE C 154 32.48 2.82 25.58
C PHE C 154 31.32 3.37 24.74
N LEU C 155 30.56 4.29 25.32
CA LEU C 155 29.42 4.91 24.64
C LEU C 155 29.92 5.97 23.66
N LYS C 156 30.91 6.74 24.10
CA LYS C 156 31.50 7.80 23.29
C LYS C 156 32.06 7.22 21.99
N ALA C 157 32.53 5.97 22.04
CA ALA C 157 33.11 5.32 20.88
C ALA C 157 32.04 4.89 19.86
N ASN C 158 30.81 4.73 20.33
CA ASN C 158 29.70 4.31 19.48
C ASN C 158 28.65 5.42 19.27
N GLY C 159 29.07 6.66 19.49
CA GLY C 159 28.25 7.82 19.16
C GLY C 159 26.89 7.82 19.84
N ILE C 160 26.84 7.31 21.07
CA ILE C 160 25.60 7.31 21.84
C ILE C 160 25.84 7.75 23.29
N TYR C 161 26.81 8.64 23.48
CA TYR C 161 27.07 9.20 24.81
C TYR C 161 26.36 10.54 25.03
N GLY C 162 26.08 11.27 23.96
CA GLY C 162 25.37 12.52 24.11
C GLY C 162 23.92 12.29 24.50
N ALA C 163 23.43 13.05 25.49
CA ALA C 163 22.01 13.03 25.83
C ALA C 163 21.31 14.15 25.06
N GLU C 164 22.11 15.00 24.41
CA GLU C 164 21.61 16.07 23.56
C GLU C 164 20.84 15.48 22.38
N TYR C 165 19.94 16.28 21.80
CA TYR C 165 19.08 15.81 20.72
C TYR C 165 19.84 15.37 19.47
N LYS C 166 21.11 15.74 19.37
CA LYS C 166 21.93 15.30 18.25
C LYS C 166 22.24 13.81 18.37
N VAL C 167 22.07 13.26 19.57
CA VAL C 167 22.47 11.88 19.85
C VAL C 167 21.34 11.00 20.40
N ARG C 168 20.57 11.54 21.35
CA ARG C 168 19.53 10.77 22.04
C ARG C 168 20.10 9.51 22.69
N GLY C 169 21.19 9.69 23.45
CA GLY C 169 21.90 8.60 24.10
C GLY C 169 21.87 8.68 25.61
N PHE C 170 22.94 8.22 26.25
CA PHE C 170 23.03 8.17 27.71
C PHE C 170 23.72 9.39 28.29
N SER C 171 23.03 10.16 29.12
CA SER C 171 23.65 11.32 29.76
C SER C 171 24.81 10.90 30.66
N GLY C 172 25.77 11.79 30.85
CA GLY C 172 26.94 11.51 31.68
C GLY C 172 26.58 11.17 33.11
N TYR C 173 25.42 11.66 33.56
CA TYR C 173 24.91 11.37 34.89
C TYR C 173 24.25 9.99 34.95
N LEU C 174 23.62 9.61 33.84
CA LEU C 174 22.99 8.30 33.73
C LEU C 174 24.04 7.20 33.82
N CYS C 175 25.22 7.46 33.26
CA CYS C 175 26.31 6.49 33.29
C CYS C 175 26.80 6.32 34.72
N GLU C 176 26.88 7.43 35.45
CA GLU C 176 27.33 7.40 36.84
C GLU C 176 26.35 6.61 37.71
N LEU C 177 25.05 6.81 37.50
CA LEU C 177 24.05 6.07 38.27
C LEU C 177 24.15 4.57 38.04
N LEU C 178 24.53 4.17 36.82
CA LEU C 178 24.62 2.75 36.47
C LEU C 178 25.80 2.06 37.17
N ILE C 179 26.89 2.80 37.39
CA ILE C 179 28.04 2.25 38.08
C ILE C 179 27.76 2.04 39.56
N VAL C 180 27.03 2.97 40.17
CA VAL C 180 26.63 2.85 41.58
C VAL C 180 25.65 1.67 41.73
N PHE C 181 24.85 1.44 40.70
CA PHE C 181 23.80 0.41 40.74
C PHE C 181 24.32 -0.99 40.38
N TYR C 182 25.41 -1.05 39.61
CA TYR C 182 25.95 -2.34 39.16
C TYR C 182 27.35 -2.61 39.69
N GLY C 183 28.07 -1.54 40.04
CA GLY C 183 29.35 -1.66 40.71
C GLY C 183 30.54 -1.52 39.78
N SER C 184 30.43 -2.08 38.58
CA SER C 184 31.52 -2.04 37.63
C SER C 184 31.00 -1.88 36.21
N PHE C 185 31.91 -1.49 35.31
CA PHE C 185 31.59 -1.43 33.89
C PHE C 185 31.15 -2.79 33.38
N LEU C 186 31.93 -3.81 33.71
CA LEU C 186 31.66 -5.17 33.26
C LEU C 186 30.33 -5.70 33.78
N GLU C 187 30.00 -5.37 35.03
CA GLU C 187 28.77 -5.83 35.63
C GLU C 187 27.56 -5.11 35.05
N THR C 188 27.79 -3.91 34.54
CA THR C 188 26.74 -3.13 33.87
C THR C 188 26.47 -3.71 32.48
N VAL C 189 27.53 -4.04 31.76
CA VAL C 189 27.43 -4.62 30.42
C VAL C 189 26.71 -5.97 30.45
N LYS C 190 27.10 -6.84 31.37
CA LYS C 190 26.53 -8.18 31.51
C LYS C 190 25.01 -8.12 31.70
N ASN C 191 24.55 -7.21 32.56
CA ASN C 191 23.14 -7.10 32.89
C ASN C 191 22.32 -6.38 31.82
N ALA C 192 22.94 -5.40 31.17
CA ALA C 192 22.25 -4.59 30.16
C ALA C 192 21.72 -5.45 29.01
N ARG C 193 22.39 -6.57 28.76
CA ARG C 193 22.01 -7.48 27.67
C ARG C 193 20.56 -7.96 27.76
N ARG C 194 20.01 -7.99 28.98
CA ARG C 194 18.66 -8.50 29.18
C ARG C 194 17.68 -7.37 29.51
N TRP C 195 18.04 -6.15 29.11
CA TRP C 195 17.10 -5.03 29.15
C TRP C 195 16.04 -5.18 28.09
N THR C 196 14.89 -4.55 28.33
CA THR C 196 13.83 -4.42 27.34
C THR C 196 13.35 -2.99 27.35
N ARG C 197 12.41 -2.67 26.47
CA ARG C 197 11.84 -1.33 26.42
C ARG C 197 10.89 -1.07 27.59
N ARG C 198 10.72 -2.06 28.46
CA ARG C 198 9.85 -1.95 29.63
C ARG C 198 10.64 -1.90 30.94
N THR C 199 11.97 -2.07 30.85
CA THR C 199 12.83 -2.11 32.03
C THR C 199 12.75 -0.84 32.84
N VAL C 200 12.52 -0.99 34.14
CA VAL C 200 12.60 0.14 35.08
C VAL C 200 13.72 -0.15 36.09
N ILE C 201 14.57 0.83 36.31
CA ILE C 201 15.70 0.70 37.23
C ILE C 201 15.67 1.78 38.32
N ASP C 202 15.15 1.42 39.49
CA ASP C 202 15.12 2.31 40.65
C ASP C 202 16.41 2.17 41.46
N VAL C 203 17.32 3.12 41.28
CA VAL C 203 18.62 3.06 41.93
C VAL C 203 18.45 3.22 43.43
N ALA C 204 17.47 4.03 43.83
CA ALA C 204 17.23 4.32 45.25
C ALA C 204 16.87 3.06 46.03
N LYS C 205 16.30 2.07 45.35
CA LYS C 205 15.85 0.83 45.99
C LYS C 205 16.73 -0.37 45.63
N GLY C 206 17.75 -0.15 44.81
CA GLY C 206 18.59 -1.24 44.33
C GLY C 206 17.78 -2.31 43.64
N GLU C 207 16.70 -1.87 42.99
CA GLU C 207 15.69 -2.76 42.42
C GLU C 207 15.51 -2.53 40.91
N VAL C 208 15.23 -3.61 40.19
CA VAL C 208 14.84 -3.56 38.78
C VAL C 208 13.40 -4.05 38.66
N ARG C 209 12.51 -3.21 38.12
CA ARG C 209 11.11 -3.60 37.96
C ARG C 209 10.57 -3.32 36.55
N LYS C 210 9.30 -3.68 36.35
CA LYS C 210 8.65 -3.55 35.04
C LYS C 210 7.79 -2.28 35.03
N GLY C 211 7.68 -1.66 33.86
CA GLY C 211 6.94 -0.41 33.73
C GLY C 211 6.34 -0.21 32.36
N GLU C 212 5.93 1.04 32.09
CA GLU C 212 5.27 1.37 30.83
C GLU C 212 6.31 1.53 29.72
N GLU C 213 7.47 2.09 30.08
CA GLU C 213 8.57 2.28 29.13
C GLU C 213 9.90 2.11 29.87
N PHE C 214 11.00 2.23 29.13
CA PHE C 214 12.33 2.23 29.75
C PHE C 214 12.47 3.45 30.65
N PHE C 215 12.86 3.23 31.90
CA PHE C 215 12.80 4.29 32.93
C PHE C 215 13.84 4.09 34.04
N VAL C 216 14.91 4.86 34.01
CA VAL C 216 15.88 4.87 35.10
C VAL C 216 15.52 5.99 36.06
N VAL C 217 14.97 5.64 37.22
CA VAL C 217 14.45 6.65 38.14
C VAL C 217 15.62 7.40 38.79
N ASP C 218 15.50 8.72 38.84
CA ASP C 218 16.51 9.58 39.44
C ASP C 218 16.41 9.46 40.95
N PRO C 219 17.50 9.07 41.63
CA PRO C 219 17.46 8.98 43.10
C PRO C 219 16.99 10.27 43.75
N VAL C 220 17.34 11.39 43.10
CA VAL C 220 17.08 12.72 43.61
C VAL C 220 15.62 13.13 43.34
N ASP C 221 15.02 12.54 42.31
CA ASP C 221 13.62 12.80 42.00
C ASP C 221 12.98 11.56 41.37
N GLU C 222 12.11 10.90 42.13
CA GLU C 222 11.48 9.66 41.69
C GLU C 222 10.49 9.88 40.55
N LYS C 223 10.27 11.15 40.18
CA LYS C 223 9.42 11.49 39.05
C LYS C 223 10.24 11.60 37.76
N ARG C 224 11.52 11.93 37.91
CA ARG C 224 12.40 12.14 36.75
C ARG C 224 12.96 10.84 36.18
N ASN C 225 12.90 10.72 34.86
CA ASN C 225 13.56 9.63 34.15
C ASN C 225 14.92 10.10 33.64
N VAL C 226 15.98 9.57 34.24
CA VAL C 226 17.33 9.98 33.89
C VAL C 226 17.64 9.58 32.46
N ALA C 227 16.98 8.52 32.00
CA ALA C 227 17.15 8.02 30.64
C ALA C 227 15.96 8.41 29.76
N ALA C 228 15.42 9.60 30.00
CA ALA C 228 14.21 10.06 29.32
C ALA C 228 14.40 10.24 27.82
N ASN C 229 15.57 10.75 27.43
CA ASN C 229 15.80 11.11 26.04
C ASN C 229 16.56 10.03 25.28
N LEU C 230 16.80 8.90 25.93
CA LEU C 230 17.41 7.76 25.26
C LEU C 230 16.40 7.16 24.28
N SER C 231 16.66 7.31 22.99
CA SER C 231 15.79 6.76 21.96
C SER C 231 15.77 5.25 22.07
N LEU C 232 14.67 4.64 21.62
CA LEU C 232 14.54 3.20 21.66
C LEU C 232 15.62 2.52 20.81
N ASP C 233 15.97 3.18 19.70
CA ASP C 233 16.96 2.64 18.78
C ASP C 233 18.36 2.68 19.39
N ASN C 234 18.67 3.76 20.10
CA ASN C 234 19.97 3.85 20.75
C ASN C 234 20.04 2.93 21.95
N LEU C 235 18.91 2.76 22.64
CA LEU C 235 18.83 1.76 23.70
C LEU C 235 19.17 0.39 23.11
N ALA C 236 18.55 0.09 21.97
CA ALA C 236 18.80 -1.17 21.27
C ALA C 236 20.24 -1.29 20.82
N ARG C 237 20.78 -0.23 20.22
CA ARG C 237 22.15 -0.23 19.73
C ARG C 237 23.14 -0.54 20.85
N PHE C 238 22.79 -0.12 22.06
CA PHE C 238 23.64 -0.39 23.22
C PHE C 238 23.53 -1.84 23.67
N VAL C 239 22.30 -2.33 23.84
CA VAL C 239 22.07 -3.71 24.28
C VAL C 239 22.78 -4.68 23.34
N HIS C 240 22.68 -4.44 22.03
CA HIS C 240 23.30 -5.29 21.04
C HIS C 240 24.83 -5.26 21.16
N LEU C 241 25.37 -4.09 21.48
CA LEU C 241 26.82 -3.94 21.65
C LEU C 241 27.31 -4.78 22.82
N CYS C 242 26.52 -4.82 23.89
CA CYS C 242 26.87 -5.57 25.08
C CYS C 242 26.89 -7.07 24.78
N ARG C 243 25.90 -7.53 24.01
CA ARG C 243 25.86 -8.92 23.57
C ARG C 243 27.01 -9.20 22.61
N GLU C 244 27.28 -8.25 21.71
CA GLU C 244 28.39 -8.36 20.78
C GLU C 244 29.71 -8.41 21.54
N PHE C 245 29.81 -7.60 22.58
CA PHE C 245 31.03 -7.47 23.35
C PHE C 245 31.27 -8.71 24.23
N MET C 246 30.24 -9.17 24.92
CA MET C 246 30.38 -10.32 25.81
C MET C 246 30.64 -11.61 25.04
N GLU C 247 30.03 -11.75 23.86
CA GLU C 247 30.23 -12.93 23.02
C GLU C 247 31.65 -12.95 22.44
N ALA C 248 32.24 -11.77 22.26
CA ALA C 248 33.56 -11.66 21.66
C ALA C 248 34.18 -10.28 21.92
N PRO C 249 34.75 -10.09 23.12
CA PRO C 249 35.36 -8.81 23.52
C PRO C 249 36.52 -8.37 22.61
N SER C 250 36.73 -7.06 22.50
CA SER C 250 37.81 -6.52 21.69
C SER C 250 38.14 -5.09 22.08
N LEU C 251 39.28 -4.61 21.60
CA LEU C 251 39.73 -3.24 21.85
C LEU C 251 39.02 -2.24 20.94
N GLY C 252 38.40 -2.72 19.87
CA GLY C 252 37.75 -1.86 18.91
C GLY C 252 36.49 -1.19 19.44
N PHE C 253 35.92 -1.73 20.51
CA PHE C 253 34.71 -1.17 21.11
C PHE C 253 34.95 0.18 21.79
N PHE C 254 36.21 0.57 21.93
CA PHE C 254 36.58 1.85 22.54
C PHE C 254 37.23 2.78 21.52
N LYS C 255 37.53 2.24 20.34
CA LYS C 255 38.13 3.03 19.28
C LYS C 255 37.09 3.79 18.46
N PRO C 256 37.31 5.10 18.25
CA PRO C 256 36.43 5.89 17.37
C PRO C 256 36.44 5.29 15.97
N LYS C 257 35.25 5.04 15.43
CA LYS C 257 35.12 4.29 14.19
C LYS C 257 35.50 5.11 12.96
N HIS C 258 35.57 4.42 11.82
CA HIS C 258 36.05 5.00 10.57
C HIS C 258 35.25 6.22 10.14
N PRO C 259 35.90 7.17 9.45
CA PRO C 259 35.15 8.25 8.80
C PRO C 259 34.26 7.73 7.67
N LEU C 260 34.49 6.48 7.27
CA LEU C 260 33.74 5.84 6.19
C LEU C 260 33.97 6.60 4.89
N GLU C 261 35.22 6.53 4.42
CA GLU C 261 35.67 7.29 3.25
C GLU C 261 35.31 6.59 1.93
N ILE C 262 34.20 7.01 1.33
CA ILE C 262 33.76 6.46 0.04
C ILE C 262 33.83 7.54 -1.05
N GLU C 263 34.36 7.12 -2.20
CA GLU C 263 34.52 7.98 -3.36
C GLU C 263 33.18 8.42 -3.95
N PRO C 264 33.11 9.64 -4.49
CA PRO C 264 31.86 10.08 -5.13
C PRO C 264 31.49 9.23 -6.34
N GLU C 265 32.46 8.53 -6.92
CA GLU C 265 32.20 7.64 -8.05
C GLU C 265 31.66 6.29 -7.58
N ARG C 266 32.33 5.69 -6.59
CA ARG C 266 31.92 4.40 -6.05
C ARG C 266 30.49 4.46 -5.52
N LEU C 267 30.13 5.59 -4.91
CA LEU C 267 28.80 5.77 -4.33
C LEU C 267 27.76 5.77 -5.45
N ARG C 268 28.10 6.38 -6.58
CA ARG C 268 27.20 6.40 -7.73
C ARG C 268 26.94 4.98 -8.23
N LYS C 269 27.98 4.15 -8.18
CA LYS C 269 27.90 2.76 -8.60
C LYS C 269 26.99 1.96 -7.66
N ILE C 270 27.08 2.26 -6.36
CA ILE C 270 26.27 1.60 -5.35
C ILE C 270 24.78 1.86 -5.58
N VAL C 271 24.45 3.09 -5.96
CA VAL C 271 23.05 3.48 -6.14
C VAL C 271 22.42 2.82 -7.36
N GLU C 272 23.18 2.67 -8.44
CA GLU C 272 22.66 1.99 -9.63
C GLU C 272 22.41 0.52 -9.35
N GLU C 273 23.32 -0.11 -8.61
CA GLU C 273 23.17 -1.52 -8.23
C GLU C 273 21.89 -1.72 -7.43
N ARG C 274 21.47 -0.67 -6.74
CA ARG C 274 20.23 -0.70 -5.95
C ARG C 274 19.04 -0.28 -6.81
N GLY C 275 19.29 0.63 -7.75
CA GLY C 275 18.25 1.11 -8.65
C GLY C 275 17.21 1.97 -7.94
N THR C 276 17.64 2.65 -6.87
CA THR C 276 16.74 3.48 -6.07
C THR C 276 16.88 4.95 -6.39
N ALA C 277 15.87 5.72 -6.01
CA ALA C 277 15.90 7.18 -6.13
C ALA C 277 16.50 7.80 -4.87
N VAL C 278 17.73 8.30 -4.97
CA VAL C 278 18.42 8.94 -3.85
C VAL C 278 18.54 10.44 -4.09
N PHE C 279 17.89 11.23 -3.25
CA PHE C 279 17.87 12.68 -3.43
C PHE C 279 17.84 13.38 -2.09
N ALA C 280 18.14 14.66 -2.11
CA ALA C 280 18.22 15.46 -0.89
C ALA C 280 17.54 16.81 -1.05
N VAL C 281 17.06 17.35 0.07
CA VAL C 281 16.48 18.70 0.12
C VAL C 281 17.51 19.62 0.76
N LYS C 282 17.99 20.61 0.00
CA LYS C 282 19.05 21.51 0.48
C LYS C 282 18.53 22.91 0.75
N PHE C 283 18.86 23.44 1.93
CA PHE C 283 18.48 24.80 2.31
C PHE C 283 19.47 25.38 3.33
N ARG C 284 19.41 26.68 3.56
CA ARG C 284 20.31 27.33 4.51
C ARG C 284 20.08 26.85 5.93
N LYS C 285 21.15 26.48 6.62
CA LYS C 285 21.05 26.09 8.01
C LYS C 285 20.51 27.27 8.80
N PRO C 286 19.40 27.07 9.53
CA PRO C 286 18.92 28.17 10.37
C PRO C 286 19.93 28.50 11.46
N ASP C 287 20.11 29.78 11.77
CA ASP C 287 21.10 30.19 12.76
C ASP C 287 20.55 29.93 14.16
N ILE C 288 20.52 28.66 14.55
CA ILE C 288 19.98 28.28 15.85
C ILE C 288 20.84 27.20 16.52
N VAL C 289 20.60 27.03 17.82
CA VAL C 289 21.33 26.07 18.63
C VAL C 289 20.97 24.65 18.21
N ASP C 290 21.95 23.75 18.28
CA ASP C 290 21.77 22.36 17.83
C ASP C 290 20.53 21.71 18.45
N ASP C 291 20.21 22.09 19.69
CA ASP C 291 19.13 21.44 20.43
C ASP C 291 17.75 21.91 19.97
N ASN C 292 17.73 22.94 19.12
CA ASN C 292 16.49 23.37 18.48
C ASN C 292 16.44 22.86 17.05
N LEU C 293 17.60 22.80 16.40
CA LEU C 293 17.69 22.46 14.99
C LEU C 293 17.37 20.99 14.73
N TYR C 294 18.01 20.09 15.45
CA TYR C 294 17.95 18.68 15.13
C TYR C 294 16.55 18.07 15.38
N PRO C 295 15.87 18.50 16.44
CA PRO C 295 14.46 18.09 16.57
C PRO C 295 13.62 18.50 15.36
N GLN C 296 13.99 19.60 14.72
CA GLN C 296 13.25 20.10 13.56
C GLN C 296 13.64 19.34 12.30
N LEU C 297 14.91 18.95 12.20
CA LEU C 297 15.35 18.12 11.07
C LEU C 297 14.69 16.74 11.14
N GLU C 298 14.52 16.23 12.35
CA GLU C 298 13.82 14.98 12.56
C GLU C 298 12.38 15.08 12.07
N ARG C 299 11.72 16.18 12.42
CA ARG C 299 10.33 16.39 12.05
C ARG C 299 10.15 16.56 10.54
N ALA C 300 10.90 17.51 9.97
CA ALA C 300 10.83 17.80 8.55
C ALA C 300 11.08 16.54 7.73
N SER C 301 12.12 15.81 8.13
CA SER C 301 12.48 14.57 7.44
C SER C 301 11.33 13.56 7.54
N ARG C 302 10.67 13.50 8.70
CA ARG C 302 9.58 12.55 8.90
C ARG C 302 8.36 12.93 8.06
N LYS C 303 8.01 14.21 8.09
CA LYS C 303 6.83 14.68 7.36
C LYS C 303 6.97 14.44 5.87
N ILE C 304 8.15 14.71 5.33
CA ILE C 304 8.42 14.46 3.91
C ILE C 304 8.40 12.96 3.64
N PHE C 305 8.93 12.19 4.60
CA PHE C 305 8.95 10.75 4.48
C PHE C 305 7.52 10.20 4.41
N GLU C 306 6.67 10.67 5.32
CA GLU C 306 5.27 10.24 5.35
C GLU C 306 4.55 10.63 4.06
N PHE C 307 4.86 11.81 3.55
CA PHE C 307 4.30 12.26 2.28
C PHE C 307 4.70 11.28 1.18
N LEU C 308 5.96 10.86 1.21
CA LEU C 308 6.49 9.97 0.18
C LEU C 308 5.80 8.61 0.20
N GLU C 309 5.49 8.08 1.37
CA GLU C 309 4.83 6.78 1.41
C GLU C 309 3.41 6.89 0.89
N ARG C 310 2.65 7.87 1.37
CA ARG C 310 1.24 7.96 0.99
C ARG C 310 1.09 8.40 -0.47
N GLU C 311 2.20 8.76 -1.10
CA GLU C 311 2.19 9.09 -2.53
C GLU C 311 2.72 7.93 -3.36
N ASN C 312 2.89 6.77 -2.72
CA ASN C 312 3.28 5.51 -3.37
C ASN C 312 4.67 5.52 -4.02
N PHE C 313 5.59 6.30 -3.47
CA PHE C 313 6.98 6.28 -3.94
C PHE C 313 7.83 5.27 -3.16
N MET C 314 7.22 4.61 -2.16
CA MET C 314 7.87 3.53 -1.41
C MET C 314 9.25 3.91 -0.85
N PRO C 315 9.28 4.74 0.20
CA PRO C 315 10.56 5.17 0.76
C PRO C 315 11.20 4.10 1.66
N LEU C 316 12.52 4.00 1.61
CA LEU C 316 13.25 3.00 2.40
C LEU C 316 13.68 3.57 3.75
N ARG C 317 14.64 4.50 3.72
CA ARG C 317 15.08 5.20 4.92
C ARG C 317 15.26 6.69 4.66
N SER C 318 15.30 7.47 5.73
CA SER C 318 15.59 8.90 5.64
C SER C 318 16.79 9.22 6.52
N ALA C 319 17.38 10.39 6.29
CA ALA C 319 18.55 10.81 7.02
C ALA C 319 18.77 12.31 6.81
N PHE C 320 19.59 12.92 7.66
CA PHE C 320 19.89 14.34 7.52
C PHE C 320 21.26 14.71 8.09
N LYS C 321 21.79 15.83 7.62
CA LYS C 321 23.06 16.37 8.08
C LYS C 321 23.03 17.89 8.10
N ALA C 322 23.73 18.48 9.05
CA ALA C 322 23.81 19.94 9.15
C ALA C 322 25.26 20.41 9.07
N SER C 323 25.63 20.95 7.92
CA SER C 323 26.94 21.57 7.76
C SER C 323 26.91 22.98 8.33
N GLU C 324 27.94 23.76 8.08
CA GLU C 324 28.02 25.10 8.64
C GLU C 324 27.01 26.02 7.99
N GLU C 325 26.87 25.93 6.67
CA GLU C 325 26.01 26.84 5.92
C GLU C 325 24.68 26.21 5.52
N PHE C 326 24.68 24.90 5.25
CA PHE C 326 23.50 24.24 4.71
C PHE C 326 23.02 23.03 5.51
N CYS C 327 21.75 22.69 5.30
CA CYS C 327 21.16 21.48 5.86
C CYS C 327 20.68 20.57 4.72
N TYR C 328 20.77 19.26 4.95
CA TYR C 328 20.35 18.27 3.97
C TYR C 328 19.34 17.29 4.57
N LEU C 329 18.27 17.03 3.82
CA LEU C 329 17.31 15.99 4.18
C LEU C 329 17.43 14.89 3.13
N LEU C 330 17.96 13.74 3.52
CA LEU C 330 18.25 12.67 2.59
C LEU C 330 17.13 11.64 2.54
N PHE C 331 16.87 11.12 1.34
CA PHE C 331 15.82 10.13 1.16
C PHE C 331 16.22 9.12 0.09
N GLU C 332 15.81 7.87 0.30
CA GLU C 332 15.99 6.80 -0.68
C GLU C 332 14.64 6.12 -0.94
N CYS C 333 14.27 5.98 -2.21
CA CYS C 333 12.95 5.47 -2.59
C CYS C 333 13.04 4.34 -3.62
N GLN C 334 12.17 3.35 -3.48
CA GLN C 334 12.14 2.20 -4.37
C GLN C 334 11.57 2.55 -5.74
N ILE C 335 10.76 3.61 -5.79
CA ILE C 335 10.14 4.05 -7.03
C ILE C 335 10.86 5.28 -7.57
N LYS C 336 11.60 5.11 -8.66
CA LYS C 336 12.29 6.22 -9.31
C LYS C 336 11.30 7.07 -10.09
N GLU C 337 10.28 6.42 -10.65
CA GLU C 337 9.26 7.11 -11.42
C GLU C 337 7.96 6.31 -11.38
N ILE C 338 6.83 7.02 -11.32
CA ILE C 338 5.52 6.39 -11.34
C ILE C 338 4.69 6.94 -12.50
N SER C 339 3.65 6.20 -12.90
CA SER C 339 2.80 6.61 -14.01
C SER C 339 2.04 7.88 -13.67
N ARG C 340 1.50 8.54 -14.69
CA ARG C 340 0.76 9.78 -14.47
C ARG C 340 -0.67 9.47 -14.04
N VAL C 341 -1.24 8.40 -14.59
CA VAL C 341 -2.60 7.98 -14.21
C VAL C 341 -2.61 7.19 -12.91
N PHE C 342 -3.68 7.37 -12.15
CA PHE C 342 -3.95 6.56 -10.97
C PHE C 342 -5.46 6.43 -10.87
N ARG C 343 -5.92 5.46 -10.08
CA ARG C 343 -7.36 5.24 -9.96
C ARG C 343 -7.84 5.81 -8.63
N ARG C 344 -8.82 6.72 -8.76
CA ARG C 344 -9.48 7.32 -7.61
C ARG C 344 -10.81 6.62 -7.40
N MET C 345 -11.09 6.30 -6.16
CA MET C 345 -12.30 5.56 -5.80
C MET C 345 -13.54 6.45 -5.79
N GLY C 346 -14.64 5.92 -6.31
CA GLY C 346 -15.92 6.61 -6.31
C GLY C 346 -16.91 5.94 -5.37
N PRO C 347 -18.16 6.44 -5.37
CA PRO C 347 -19.21 5.91 -4.49
C PRO C 347 -19.80 4.60 -5.02
N GLN C 348 -20.50 3.87 -4.16
CA GLN C 348 -21.18 2.66 -4.60
C GLN C 348 -22.26 3.06 -5.58
N PHE C 349 -22.58 2.18 -6.52
CA PHE C 349 -23.47 2.53 -7.63
C PHE C 349 -24.89 2.88 -7.19
N GLU C 350 -25.23 2.53 -5.96
CA GLU C 350 -26.59 2.74 -5.46
C GLU C 350 -26.96 4.22 -5.36
N ASP C 351 -26.36 4.96 -4.43
CA ASP C 351 -26.78 6.33 -4.17
C ASP C 351 -26.37 7.29 -5.29
N GLU C 352 -27.31 7.56 -6.19
CA GLU C 352 -27.05 8.29 -7.42
C GLU C 352 -26.66 9.75 -7.20
N ARG C 353 -27.03 10.32 -6.06
CA ARG C 353 -26.74 11.72 -5.80
C ARG C 353 -25.24 11.96 -5.87
N ASN C 354 -24.48 11.08 -5.24
CA ASN C 354 -23.03 11.15 -5.23
C ASN C 354 -22.39 10.67 -6.53
N VAL C 355 -22.96 9.65 -7.15
CA VAL C 355 -22.46 9.13 -8.42
C VAL C 355 -22.57 10.22 -9.48
N LYS C 356 -23.67 10.96 -9.47
CA LYS C 356 -23.89 12.02 -10.44
C LYS C 356 -22.86 13.13 -10.27
N LYS C 357 -22.54 13.46 -9.03
CA LYS C 357 -21.49 14.43 -8.75
C LYS C 357 -20.13 13.91 -9.21
N PHE C 358 -19.89 12.62 -8.98
CA PHE C 358 -18.61 12.00 -9.33
C PHE C 358 -18.36 11.98 -10.83
N LEU C 359 -19.36 11.57 -11.60
CA LEU C 359 -19.21 11.44 -13.05
C LEU C 359 -19.27 12.78 -13.76
N SER C 360 -19.64 13.83 -13.03
CA SER C 360 -19.72 15.17 -13.60
C SER C 360 -18.32 15.78 -13.73
N ARG C 361 -17.41 15.37 -12.84
CA ARG C 361 -16.04 15.88 -12.85
C ARG C 361 -15.37 15.65 -14.19
N ASN C 362 -14.83 16.70 -14.78
CA ASN C 362 -14.17 16.60 -16.06
C ASN C 362 -12.85 15.85 -15.97
N ARG C 363 -12.81 14.64 -16.54
CA ARG C 363 -11.59 13.84 -16.56
C ARG C 363 -11.28 13.44 -17.99
N ALA C 364 -10.01 13.13 -18.24
CA ALA C 364 -9.55 12.82 -19.58
C ALA C 364 -10.02 11.45 -20.05
N PHE C 365 -10.16 10.52 -19.11
CA PHE C 365 -10.59 9.16 -19.42
C PHE C 365 -11.95 8.85 -18.80
N ARG C 366 -12.54 7.74 -19.23
CA ARG C 366 -13.87 7.35 -18.78
C ARG C 366 -13.79 6.62 -17.45
N PRO C 367 -14.67 6.97 -16.50
CA PRO C 367 -14.70 6.17 -15.27
C PRO C 367 -15.28 4.78 -15.54
N PHE C 368 -15.19 3.87 -14.56
CA PHE C 368 -15.63 2.49 -14.75
C PHE C 368 -16.16 1.89 -13.44
N ILE C 369 -16.85 0.75 -13.56
CA ILE C 369 -17.38 0.05 -12.38
C ILE C 369 -16.54 -1.18 -12.06
N GLU C 370 -16.28 -1.37 -10.76
CA GLU C 370 -15.50 -2.52 -10.30
C GLU C 370 -15.98 -2.97 -8.93
N ASN C 371 -16.38 -4.24 -8.84
CA ASN C 371 -16.84 -4.86 -7.60
C ASN C 371 -17.88 -4.03 -6.87
N GLY C 372 -18.69 -3.30 -7.63
CA GLY C 372 -19.87 -2.66 -7.07
C GLY C 372 -19.76 -1.17 -6.82
N ARG C 373 -18.60 -0.57 -7.08
CA ARG C 373 -18.47 0.88 -6.93
C ARG C 373 -17.70 1.49 -8.09
N TRP C 374 -17.87 2.80 -8.26
CA TRP C 374 -17.29 3.52 -9.38
C TRP C 374 -15.84 3.90 -9.12
N TRP C 375 -15.06 3.95 -10.20
CA TRP C 375 -13.66 4.36 -10.13
C TRP C 375 -13.37 5.28 -11.29
N ALA C 376 -12.40 6.18 -11.12
CA ALA C 376 -12.01 7.09 -12.18
C ALA C 376 -10.50 7.13 -12.31
N PHE C 377 -10.04 7.32 -13.55
CA PHE C 377 -8.64 7.57 -13.80
C PHE C 377 -8.42 9.08 -13.72
N GLU C 378 -7.47 9.50 -12.89
CA GLU C 378 -7.10 10.91 -12.81
C GLU C 378 -5.59 11.03 -12.98
N MET C 379 -5.14 12.22 -13.32
CA MET C 379 -3.72 12.43 -13.62
C MET C 379 -2.99 13.04 -12.41
N ARG C 380 -1.76 12.60 -12.22
CA ARG C 380 -0.91 13.15 -11.18
C ARG C 380 -0.30 14.47 -11.60
N LYS C 381 0.10 15.26 -10.60
CA LYS C 381 0.74 16.55 -10.84
C LYS C 381 2.26 16.39 -10.86
N PHE C 382 2.73 15.21 -10.47
CA PHE C 382 4.15 14.89 -10.48
C PHE C 382 4.36 13.39 -10.66
N THR C 383 5.49 12.99 -11.25
CA THR C 383 5.72 11.59 -11.59
C THR C 383 7.02 11.03 -11.02
N THR C 384 7.73 11.83 -10.23
CA THR C 384 8.95 11.36 -9.58
C THR C 384 8.99 11.83 -8.14
N PRO C 385 9.72 11.09 -7.27
CA PRO C 385 9.83 11.47 -5.86
C PRO C 385 10.43 12.86 -5.70
N GLU C 386 11.44 13.16 -6.50
CA GLU C 386 12.08 14.46 -6.45
C GLU C 386 11.08 15.57 -6.73
N GLU C 387 10.26 15.39 -7.76
CA GLU C 387 9.26 16.39 -8.11
C GLU C 387 8.17 16.49 -7.06
N GLY C 388 7.85 15.38 -6.43
CA GLY C 388 6.79 15.34 -5.43
C GLY C 388 7.17 16.06 -4.15
N VAL C 389 8.39 15.82 -3.68
CA VAL C 389 8.86 16.43 -2.44
C VAL C 389 8.96 17.93 -2.62
N ARG C 390 9.38 18.37 -3.80
CA ARG C 390 9.43 19.79 -4.09
C ARG C 390 8.05 20.42 -3.98
N SER C 391 7.02 19.74 -4.47
CA SER C 391 5.66 20.27 -4.40
C SER C 391 5.24 20.32 -2.94
N TYR C 392 5.51 19.24 -2.21
CA TYR C 392 5.14 19.15 -0.81
C TYR C 392 5.81 20.23 0.02
N ALA C 393 7.12 20.41 -0.20
CA ALA C 393 7.90 21.40 0.54
C ALA C 393 7.48 22.82 0.17
N SER C 394 6.92 22.99 -1.03
CA SER C 394 6.46 24.29 -1.47
C SER C 394 5.19 24.68 -0.74
N THR C 395 4.24 23.76 -0.70
CA THR C 395 2.93 24.06 -0.14
C THR C 395 2.94 23.88 1.38
N HIS C 396 3.54 22.79 1.84
CA HIS C 396 3.53 22.46 3.27
C HIS C 396 4.84 22.84 3.96
N TRP C 397 5.39 24.01 3.61
CA TRP C 397 6.63 24.47 4.22
C TRP C 397 6.47 24.70 5.73
N HIS C 398 5.27 25.11 6.14
CA HIS C 398 5.06 25.57 7.52
C HIS C 398 5.03 24.44 8.54
N THR C 399 4.74 23.23 8.10
CA THR C 399 4.60 22.09 9.01
C THR C 399 5.94 21.37 9.25
N LEU C 400 7.00 21.87 8.60
CA LEU C 400 8.31 21.22 8.63
C LEU C 400 9.20 21.72 9.76
N GLY C 401 8.61 22.14 10.87
CA GLY C 401 9.36 22.69 11.98
C GLY C 401 9.48 24.20 11.86
N LYS C 402 9.47 24.87 13.00
CA LYS C 402 9.41 26.34 13.04
C LYS C 402 10.47 27.02 12.18
N ASN C 403 11.74 26.77 12.50
CA ASN C 403 12.84 27.46 11.82
C ASN C 403 13.24 26.82 10.50
N VAL C 404 13.24 25.49 10.46
CA VAL C 404 13.57 24.76 9.25
C VAL C 404 12.55 25.06 8.15
N GLY C 405 11.27 25.10 8.52
CA GLY C 405 10.20 25.33 7.56
C GLY C 405 10.24 26.71 6.92
N GLU C 406 10.67 27.70 7.69
CA GLU C 406 10.76 29.07 7.18
C GLU C 406 11.96 29.21 6.25
N SER C 407 13.00 28.43 6.52
CA SER C 407 14.20 28.47 5.68
C SER C 407 13.94 27.80 4.35
N ILE C 408 13.08 26.78 4.38
CA ILE C 408 12.70 26.07 3.17
C ILE C 408 11.81 26.97 2.32
N ARG C 409 10.98 27.77 2.98
CA ARG C 409 10.09 28.70 2.28
C ARG C 409 10.87 29.71 1.44
N GLU C 410 11.91 30.32 2.03
CA GLU C 410 12.65 31.37 1.34
C GLU C 410 13.40 30.82 0.13
N TYR C 411 13.90 29.59 0.25
CA TYR C 411 14.58 28.92 -0.86
C TYR C 411 15.05 27.53 -0.48
N PHE C 412 14.93 26.61 -1.43
CA PHE C 412 15.49 25.27 -1.33
C PHE C 412 15.66 24.70 -2.72
N GLU C 413 16.41 23.60 -2.83
CA GLU C 413 16.59 22.93 -4.11
C GLU C 413 16.78 21.43 -3.90
N ILE C 414 16.29 20.64 -4.84
CA ILE C 414 16.37 19.18 -4.77
C ILE C 414 17.61 18.69 -5.53
N ILE C 415 18.57 18.15 -4.79
CA ILE C 415 19.81 17.67 -5.38
C ILE C 415 19.77 16.16 -5.59
N SER C 416 20.11 15.74 -6.81
CA SER C 416 20.10 14.33 -7.17
C SER C 416 21.27 14.02 -8.10
N GLY C 417 21.51 12.74 -8.31
CA GLY C 417 22.53 12.31 -9.25
C GLY C 417 23.93 12.71 -8.83
N GLU C 418 24.75 13.06 -9.83
CA GLU C 418 26.16 13.35 -9.59
C GLU C 418 26.36 14.55 -8.66
N LYS C 419 25.49 15.54 -8.79
CA LYS C 419 25.60 16.76 -8.00
C LYS C 419 25.39 16.52 -6.51
N LEU C 420 24.70 15.43 -6.17
CA LEU C 420 24.44 15.11 -4.77
C LEU C 420 25.69 14.53 -4.11
N PHE C 421 26.42 13.69 -4.83
CA PHE C 421 27.59 13.02 -4.26
C PHE C 421 28.74 13.99 -4.01
N LYS C 422 28.66 15.15 -4.65
CA LYS C 422 29.66 16.19 -4.45
C LYS C 422 29.34 17.07 -3.25
N GLU C 423 28.23 16.76 -2.59
CA GLU C 423 27.84 17.47 -1.37
C GLU C 423 28.36 16.74 -0.13
N PRO C 424 28.49 17.45 1.00
CA PRO C 424 29.04 16.85 2.23
C PRO C 424 28.12 15.85 2.93
N VAL C 425 27.58 14.88 2.21
CA VAL C 425 26.62 13.92 2.79
C VAL C 425 27.02 12.47 2.53
N THR C 426 28.27 12.27 2.14
CA THR C 426 28.79 10.94 1.81
C THR C 426 28.68 9.97 2.98
N ALA C 427 29.17 10.38 4.15
CA ALA C 427 29.12 9.54 5.34
C ALA C 427 27.70 9.11 5.69
N GLU C 428 26.77 10.06 5.61
CA GLU C 428 25.38 9.81 5.97
C GLU C 428 24.68 8.86 5.00
N LEU C 429 24.99 8.98 3.72
CA LEU C 429 24.39 8.11 2.70
C LEU C 429 24.82 6.66 2.91
N CYS C 430 26.10 6.45 3.16
CA CYS C 430 26.63 5.10 3.35
C CYS C 430 26.02 4.49 4.60
N GLU C 431 25.81 5.32 5.62
CA GLU C 431 25.16 4.88 6.85
C GLU C 431 23.71 4.50 6.56
N MET C 432 23.04 5.36 5.80
CA MET C 432 21.63 5.20 5.47
C MET C 432 21.36 3.97 4.62
N MET C 433 22.24 3.73 3.64
CA MET C 433 22.07 2.62 2.71
C MET C 433 22.68 1.35 3.25
N GLY C 434 23.45 1.47 4.34
CA GLY C 434 24.06 0.31 4.97
C GLY C 434 25.29 -0.20 4.26
N VAL C 435 25.94 0.65 3.49
CA VAL C 435 27.17 0.28 2.79
C VAL C 435 28.25 -0.10 3.80
N LYS C 436 28.79 -1.31 3.65
CA LYS C 436 29.87 -1.78 4.52
C LYS C 436 31.23 -1.77 3.82
N ASP C 437 32.28 -1.48 4.58
CA ASP C 437 33.66 -1.63 4.12
C ASP C 437 34.62 -1.38 5.28
#